data_7XHH
#
_entry.id   7XHH
#
_cell.length_a   76.034
_cell.length_b   68.904
_cell.length_c   81.788
_cell.angle_alpha   90.000
_cell.angle_beta   100.320
_cell.angle_gamma   90.000
#
_symmetry.space_group_name_H-M   'P 1 21 1'
#
loop_
_entity.id
_entity.type
_entity.pdbx_description
1 polymer 'Ubiquitin carboxyl-terminal hydrolase 7'
2 non-polymer 3-[4-(aminomethyl)phenyl]-6-[[1-[[2-chloranyl-4-(1,2,4-oxadiazol-3-yl)phenyl]methyl]-4-oxidanyl-piperidin-4-yl]methyl]-2-methyl-pyrazolo[4,3-d]pyrimidin-7-one
3 water water
#
_entity_poly.entity_id   1
_entity_poly.type   'polypeptide(L)'
_entity_poly.pdbx_seq_one_letter_code
;SKKHTGYVGLKNQGATCYMNSLLQTLFFTNQLRKAVYMMPTEGDDSSKSVPLALQRVFYELQHSDKPVGTKKLTKSFGWE
TLDSFMQHDVQELCRVLLDNVENKMKGTCVEGTIPKLFRGKMVSYIQCKEVDYRSDRREDYYDIQLSIKGKKNIFESFVD
YVAVEQLDGDNKYDAGEHGLQEAEKGVKFLTLPPVLHLQLMRFMYDPQTDQNIKINDRFEFPEQLPLDEFLQKTDPKDPA
NYILHAVLVHSGDNHGGHYVVYLNPKGDGKWCKFDDDVVSRCTKEEAIEHNYGGHDDDLSVRHCTNAYMLVYIRESKLSE
VLQAVTDHDIPQQLVERLQEEKRIEAQK
;
_entity_poly.pdbx_strand_id   A,B
#
loop_
_chem_comp.id
_chem_comp.type
_chem_comp.name
_chem_comp.formula
DYO non-polymer 3-[4-(aminomethyl)phenyl]-6-[[1-[[2-chloranyl-4-(1,2,4-oxadiazol-3-yl)phenyl]methyl]-4-oxidanyl-piperidin-4-yl]methyl]-2-methyl-pyrazolo[4,3-d]pyrimidin-7-one 'C28 H29 Cl N8 O3'
#
# COMPACT_ATOMS: atom_id res chain seq x y z
N SER A 1 12.36 -25.70 4.44
CA SER A 1 11.09 -25.12 4.91
C SER A 1 11.13 -23.58 4.89
N LYS A 2 10.02 -22.96 4.45
CA LYS A 2 9.91 -21.50 4.42
C LYS A 2 9.66 -20.89 5.80
N LYS A 3 9.23 -21.69 6.79
CA LYS A 3 8.90 -21.13 8.09
C LYS A 3 10.13 -20.64 8.86
N HIS A 4 11.33 -21.13 8.54
CA HIS A 4 12.52 -20.65 9.24
C HIS A 4 12.55 -19.12 9.23
N THR A 5 12.35 -18.53 8.05
CA THR A 5 12.50 -17.10 7.83
C THR A 5 11.23 -16.40 7.37
N GLY A 6 10.25 -17.14 6.87
CA GLY A 6 9.10 -16.56 6.18
C GLY A 6 9.33 -16.31 4.70
N TYR A 7 10.53 -16.61 4.20
CA TYR A 7 10.91 -16.37 2.81
C TYR A 7 11.24 -17.71 2.15
N VAL A 8 10.90 -17.82 0.87
CA VAL A 8 11.16 -19.03 0.12
C VAL A 8 12.21 -18.76 -0.96
N GLY A 9 12.93 -19.83 -1.31
CA GLY A 9 14.00 -19.75 -2.28
C GLY A 9 13.52 -19.97 -3.71
N LEU A 10 14.46 -19.85 -4.62
CA LEU A 10 14.27 -20.13 -6.04
C LEU A 10 15.07 -21.38 -6.39
N LYS A 11 14.51 -22.21 -7.27
CA LYS A 11 15.16 -23.45 -7.62
C LYS A 11 16.47 -23.17 -8.36
N ASN A 12 17.47 -23.99 -8.09
CA ASN A 12 18.66 -23.96 -8.93
C ASN A 12 18.34 -24.82 -10.15
N GLN A 13 18.10 -24.18 -11.28
CA GLN A 13 17.79 -24.88 -12.53
C GLN A 13 18.88 -24.51 -13.53
N GLY A 14 19.88 -25.37 -13.61
CA GLY A 14 21.02 -25.09 -14.47
C GLY A 14 21.86 -23.92 -13.96
N ALA A 15 22.50 -23.24 -14.91
CA ALA A 15 23.43 -22.17 -14.60
C ALA A 15 22.86 -20.87 -15.16
N THR A 16 22.01 -20.23 -14.37
CA THR A 16 21.51 -18.89 -14.67
C THR A 16 22.26 -17.79 -13.92
N CYS A 17 23.42 -18.12 -13.33
CA CYS A 17 24.33 -17.12 -12.77
C CYS A 17 23.64 -16.21 -11.77
N TYR A 18 23.55 -14.90 -12.07
CA TYR A 18 23.04 -13.90 -11.13
C TYR A 18 21.52 -13.79 -11.12
N MET A 19 20.81 -14.59 -11.93
CA MET A 19 19.36 -14.40 -12.11
C MET A 19 18.59 -14.56 -10.80
N ASN A 20 18.81 -15.65 -10.09
CA ASN A 20 18.02 -15.86 -8.88
C ASN A 20 18.28 -14.73 -7.88
N SER A 21 19.55 -14.30 -7.77
CA SER A 21 19.90 -13.18 -6.89
C SER A 21 19.10 -11.92 -7.26
N LEU A 22 19.00 -11.62 -8.55
CA LEU A 22 18.34 -10.40 -8.98
C LEU A 22 16.82 -10.51 -8.85
N LEU A 23 16.26 -11.72 -9.04
CA LEU A 23 14.82 -11.89 -8.88
C LEU A 23 14.37 -11.64 -7.43
N GLN A 24 15.12 -12.17 -6.45
CA GLN A 24 14.78 -11.88 -5.06
C GLN A 24 14.90 -10.41 -4.76
N THR A 25 15.96 -9.78 -5.28
CA THR A 25 16.18 -8.34 -5.13
C THR A 25 14.97 -7.56 -5.62
N LEU A 26 14.45 -7.91 -6.80
CA LEU A 26 13.30 -7.18 -7.33
C LEU A 26 12.03 -7.54 -6.58
N PHE A 27 11.87 -8.82 -6.21
CA PHE A 27 10.68 -9.24 -5.49
C PHE A 27 10.55 -8.46 -4.19
N PHE A 28 11.65 -8.23 -3.50
CA PHE A 28 11.57 -7.47 -2.25
C PHE A 28 11.63 -5.97 -2.46
N THR A 29 11.54 -5.49 -3.71
CA THR A 29 11.24 -4.09 -3.99
C THR A 29 9.71 -3.98 -3.99
N ASN A 30 9.16 -3.95 -2.79
CA ASN A 30 7.72 -4.17 -2.61
C ASN A 30 6.89 -3.27 -3.51
N GLN A 31 7.21 -1.97 -3.58
CA GLN A 31 6.41 -1.07 -4.40
C GLN A 31 6.40 -1.54 -5.85
N LEU A 32 7.54 -2.01 -6.35
CA LEU A 32 7.59 -2.58 -7.68
C LEU A 32 6.81 -3.90 -7.77
N ARG A 33 6.91 -4.75 -6.74
CA ARG A 33 6.11 -5.98 -6.74
C ARG A 33 4.61 -5.67 -6.86
N LYS A 34 4.12 -4.69 -6.11
CA LYS A 34 2.69 -4.38 -6.18
C LYS A 34 2.28 -3.88 -7.57
N ALA A 35 3.09 -3.00 -8.17
CA ALA A 35 2.82 -2.55 -9.53
C ALA A 35 2.78 -3.71 -10.51
N VAL A 36 3.74 -4.63 -10.42
CA VAL A 36 3.76 -5.80 -11.29
C VAL A 36 2.46 -6.58 -11.19
N TYR A 37 1.96 -6.77 -9.97
CA TYR A 37 0.68 -7.47 -9.78
C TYR A 37 -0.45 -6.75 -10.50
N MET A 38 -0.39 -5.42 -10.55
CA MET A 38 -1.41 -4.57 -11.15
C MET A 38 -1.40 -4.59 -12.67
N MET A 39 -0.48 -5.33 -13.31
CA MET A 39 -0.37 -5.32 -14.76
C MET A 39 -1.54 -6.08 -15.40
N PRO A 40 -2.04 -5.61 -16.57
CA PRO A 40 -3.20 -6.26 -17.27
C PRO A 40 -2.79 -7.37 -18.22
N THR A 41 -2.41 -8.51 -17.66
CA THR A 41 -1.86 -9.61 -18.44
C THR A 41 -2.95 -10.55 -18.95
N GLU A 42 -4.12 -10.01 -19.29
CA GLU A 42 -5.27 -10.82 -19.67
C GLU A 42 -4.96 -11.80 -20.80
N GLY A 43 -4.53 -11.27 -21.96
CA GLY A 43 -4.51 -12.03 -23.19
C GLY A 43 -3.17 -12.51 -23.64
N ASP A 44 -2.12 -12.33 -22.84
CA ASP A 44 -0.81 -12.78 -23.27
C ASP A 44 -0.68 -14.29 -23.02
N ASP A 45 0.28 -14.90 -23.70
CA ASP A 45 0.57 -16.32 -23.48
C ASP A 45 1.53 -16.49 -22.30
N SER A 46 1.32 -17.56 -21.50
CA SER A 46 2.13 -17.75 -20.31
C SER A 46 3.60 -18.01 -20.66
N SER A 47 3.86 -18.76 -21.73
CA SER A 47 5.22 -19.08 -22.17
C SER A 47 5.85 -17.99 -23.02
N LYS A 48 5.07 -17.02 -23.51
CA LYS A 48 5.60 -15.97 -24.35
C LYS A 48 5.71 -14.61 -23.65
N SER A 49 4.87 -14.34 -22.66
CA SER A 49 4.76 -13.01 -22.07
C SER A 49 5.68 -12.91 -20.86
N VAL A 50 6.71 -12.05 -20.97
CA VAL A 50 7.58 -11.79 -19.83
C VAL A 50 6.82 -11.15 -18.67
N PRO A 51 5.93 -10.17 -18.89
CA PRO A 51 5.20 -9.58 -17.75
C PRO A 51 4.36 -10.59 -16.98
N LEU A 52 3.74 -11.56 -17.66
CA LEU A 52 3.02 -12.60 -16.95
C LEU A 52 3.98 -13.53 -16.21
N ALA A 53 5.14 -13.84 -16.83
CA ALA A 53 6.10 -14.72 -16.18
C ALA A 53 6.63 -14.11 -14.89
N LEU A 54 6.79 -12.78 -14.86
CA LEU A 54 7.25 -12.12 -13.64
C LEU A 54 6.18 -12.16 -12.56
N GLN A 55 4.94 -11.84 -12.93
CA GLN A 55 3.84 -11.97 -11.98
C GLN A 55 3.85 -13.36 -11.36
N ARG A 56 4.09 -14.40 -12.19
CA ARG A 56 3.96 -15.76 -11.68
C ARG A 56 5.10 -16.10 -10.74
N VAL A 57 6.34 -15.70 -11.08
CA VAL A 57 7.43 -15.92 -10.16
C VAL A 57 7.18 -15.17 -8.85
N PHE A 58 6.78 -13.90 -8.93
CA PHE A 58 6.48 -13.11 -7.73
C PHE A 58 5.34 -13.73 -6.92
N TYR A 59 4.28 -14.15 -7.60
CA TYR A 59 3.16 -14.77 -6.88
C TYR A 59 3.64 -16.00 -6.11
N GLU A 60 4.46 -16.84 -6.75
CA GLU A 60 5.00 -18.02 -6.07
C GLU A 60 5.98 -17.64 -4.97
N LEU A 61 6.83 -16.64 -5.22
CA LEU A 61 7.70 -16.21 -4.12
C LEU A 61 6.87 -15.77 -2.92
N GLN A 62 5.69 -15.17 -3.16
CA GLN A 62 4.87 -14.66 -2.05
C GLN A 62 4.04 -15.74 -1.37
N HIS A 63 3.65 -16.79 -2.09
CA HIS A 63 2.70 -17.78 -1.57
C HIS A 63 3.24 -19.18 -1.38
N SER A 64 4.20 -19.65 -2.19
CA SER A 64 4.62 -21.05 -2.11
C SER A 64 5.52 -21.31 -0.90
N ASP A 65 5.38 -22.50 -0.32
CA ASP A 65 6.33 -22.93 0.71
C ASP A 65 7.39 -23.90 0.19
N LYS A 66 7.41 -24.18 -1.14
CA LYS A 66 8.42 -24.96 -1.85
C LYS A 66 9.25 -24.01 -2.72
N PRO A 67 10.50 -24.37 -3.08
CA PRO A 67 11.29 -23.46 -3.93
C PRO A 67 10.57 -23.20 -5.25
N VAL A 68 10.81 -22.01 -5.81
CA VAL A 68 10.07 -21.49 -6.96
C VAL A 68 10.91 -21.67 -8.22
N GLY A 69 10.27 -22.20 -9.30
CA GLY A 69 10.96 -22.40 -10.56
C GLY A 69 10.88 -21.19 -11.48
N THR A 70 11.75 -21.19 -12.50
CA THR A 70 11.94 -20.02 -13.35
C THR A 70 11.97 -20.35 -14.84
N LYS A 71 11.77 -21.61 -15.23
CA LYS A 71 11.94 -21.99 -16.63
C LYS A 71 11.01 -21.21 -17.53
N LYS A 72 9.74 -21.07 -17.13
CA LYS A 72 8.80 -20.26 -17.91
C LYS A 72 9.31 -18.84 -18.06
N LEU A 73 9.95 -18.31 -17.00
CA LEU A 73 10.48 -16.95 -17.04
C LEU A 73 11.70 -16.87 -17.95
N THR A 74 12.66 -17.79 -17.80
CA THR A 74 13.83 -17.76 -18.69
C THR A 74 13.42 -18.00 -20.13
N LYS A 75 12.43 -18.88 -20.36
CA LYS A 75 11.97 -19.15 -21.72
C LYS A 75 11.32 -17.91 -22.34
N SER A 76 10.61 -17.12 -21.54
CA SER A 76 9.89 -15.97 -22.10
C SER A 76 10.84 -14.87 -22.59
N PHE A 77 12.04 -14.72 -22.00
CA PHE A 77 12.97 -13.71 -22.50
C PHE A 77 14.22 -14.27 -23.17
N GLY A 78 14.34 -15.59 -23.30
CA GLY A 78 15.24 -16.18 -24.28
C GLY A 78 16.59 -16.65 -23.78
N TRP A 79 16.93 -16.41 -22.52
CA TRP A 79 18.24 -16.82 -22.01
C TRP A 79 18.08 -18.23 -21.45
N GLU A 80 18.33 -19.23 -22.29
CA GLU A 80 18.14 -20.62 -21.92
C GLU A 80 19.42 -21.36 -21.66
N THR A 81 20.57 -20.73 -21.92
CA THR A 81 21.88 -21.37 -21.86
C THR A 81 22.82 -20.55 -20.99
N LEU A 82 23.85 -21.22 -20.45
CA LEU A 82 24.85 -20.51 -19.65
C LEU A 82 25.55 -19.42 -20.45
N ASP A 83 25.60 -19.57 -21.78
CA ASP A 83 26.21 -18.53 -22.61
C ASP A 83 25.39 -17.25 -22.61
N SER A 84 24.06 -17.38 -22.60
CA SER A 84 23.20 -16.19 -22.60
C SER A 84 23.52 -15.30 -21.40
N PHE A 85 23.67 -15.90 -20.22
CA PHE A 85 24.00 -15.13 -19.02
C PHE A 85 25.47 -14.73 -18.98
N MET A 86 26.34 -15.52 -19.59
CA MET A 86 27.76 -15.16 -19.61
C MET A 86 28.00 -13.90 -20.44
N GLN A 87 27.16 -13.65 -21.45
CA GLN A 87 27.33 -12.54 -22.38
C GLN A 87 26.76 -11.21 -21.87
N HIS A 88 26.02 -11.22 -20.77
CA HIS A 88 25.39 -10.01 -20.26
C HIS A 88 25.85 -9.76 -18.83
N ASP A 89 25.89 -8.50 -18.45
CA ASP A 89 26.10 -8.16 -17.04
C ASP A 89 24.76 -8.16 -16.30
N VAL A 90 24.81 -8.12 -14.98
CA VAL A 90 23.59 -8.19 -14.18
C VAL A 90 22.61 -7.07 -14.55
N GLN A 91 23.11 -5.83 -14.68
CA GLN A 91 22.23 -4.70 -14.97
C GLN A 91 21.55 -4.80 -16.33
N GLU A 92 22.14 -5.55 -17.28
CA GLU A 92 21.48 -5.76 -18.57
C GLU A 92 20.24 -6.63 -18.43
N LEU A 93 20.34 -7.71 -17.65
CA LEU A 93 19.17 -8.52 -17.36
C LEU A 93 18.15 -7.72 -16.56
N CYS A 94 18.61 -6.89 -15.62
CA CYS A 94 17.69 -6.02 -14.92
C CYS A 94 16.96 -5.12 -15.91
N ARG A 95 17.70 -4.49 -16.82
CA ARG A 95 17.10 -3.60 -17.80
C ARG A 95 16.10 -4.33 -18.67
N VAL A 96 16.42 -5.55 -19.10
CA VAL A 96 15.46 -6.32 -19.89
C VAL A 96 14.15 -6.52 -19.12
N LEU A 97 14.25 -6.91 -17.84
CA LEU A 97 13.04 -7.21 -17.07
C LEU A 97 12.23 -5.95 -16.79
N LEU A 98 12.89 -4.88 -16.34
CA LEU A 98 12.18 -3.66 -15.98
C LEU A 98 11.57 -2.99 -17.21
N ASP A 99 12.22 -3.12 -18.36
CA ASP A 99 11.67 -2.59 -19.61
C ASP A 99 10.36 -3.28 -19.97
N ASN A 100 10.29 -4.59 -19.85
CA ASN A 100 9.07 -5.31 -20.18
C ASN A 100 7.91 -4.86 -19.31
N VAL A 101 8.12 -4.75 -18.00
CA VAL A 101 6.99 -4.44 -17.13
C VAL A 101 6.60 -2.97 -17.25
N GLU A 102 7.56 -2.08 -17.46
CA GLU A 102 7.24 -0.67 -17.62
C GLU A 102 6.39 -0.44 -18.87
N ASN A 103 6.79 -1.04 -20.00
CA ASN A 103 5.99 -0.99 -21.21
C ASN A 103 4.60 -1.54 -20.95
N LYS A 104 4.49 -2.60 -20.16
CA LYS A 104 3.18 -3.16 -19.89
C LYS A 104 2.37 -2.28 -18.95
N MET A 105 3.00 -1.40 -18.18
CA MET A 105 2.25 -0.52 -17.29
C MET A 105 1.80 0.79 -17.94
N LYS A 106 2.09 1.00 -19.21
CA LYS A 106 1.60 2.20 -19.87
C LYS A 106 0.08 2.17 -19.96
N GLY A 107 -0.56 3.32 -19.73
CA GLY A 107 -1.99 3.44 -19.78
C GLY A 107 -2.73 2.89 -18.57
N THR A 108 -2.01 2.35 -17.59
CA THR A 108 -2.62 1.78 -16.39
C THR A 108 -2.44 2.71 -15.20
N CYS A 109 -3.09 2.33 -14.09
CA CYS A 109 -3.01 3.16 -12.89
C CYS A 109 -1.58 3.24 -12.33
N VAL A 110 -0.70 2.30 -12.68
CA VAL A 110 0.65 2.30 -12.13
C VAL A 110 1.66 2.62 -13.22
N GLU A 111 1.23 3.40 -14.22
CA GLU A 111 2.15 3.83 -15.27
C GLU A 111 3.27 4.69 -14.69
N GLY A 112 4.49 4.42 -15.11
CA GLY A 112 5.66 5.17 -14.67
C GLY A 112 6.30 4.68 -13.40
N THR A 113 5.84 3.55 -12.85
CA THR A 113 6.38 3.08 -11.58
C THR A 113 7.87 2.80 -11.69
N ILE A 114 8.33 2.27 -12.83
CA ILE A 114 9.75 1.93 -12.99
C ILE A 114 10.65 3.18 -12.95
N PRO A 115 10.36 4.24 -13.72
CA PRO A 115 11.20 5.45 -13.62
C PRO A 115 11.17 6.08 -12.24
N LYS A 116 9.99 6.14 -11.62
CA LYS A 116 9.89 6.75 -10.30
C LYS A 116 10.76 6.00 -9.29
N LEU A 117 10.89 4.69 -9.43
CA LEU A 117 11.66 3.92 -8.46
C LEU A 117 13.16 3.96 -8.75
N PHE A 118 13.55 3.91 -10.02
CA PHE A 118 14.90 3.50 -10.41
C PHE A 118 15.68 4.49 -11.25
N ARG A 119 15.08 5.56 -11.77
CA ARG A 119 15.81 6.39 -12.72
C ARG A 119 16.27 7.68 -12.08
N GLY A 120 17.56 7.98 -12.21
CA GLY A 120 18.13 9.25 -11.82
C GLY A 120 18.62 10.01 -13.04
N LYS A 121 19.10 11.21 -12.77
CA LYS A 121 19.56 12.10 -13.83
C LYS A 121 20.99 12.56 -13.54
N MET A 122 21.83 12.53 -14.56
CA MET A 122 23.18 13.04 -14.49
C MET A 122 23.43 13.91 -15.71
N VAL A 123 24.42 14.80 -15.60
CA VAL A 123 24.83 15.62 -16.72
C VAL A 123 26.35 15.48 -16.91
N SER A 124 26.75 15.22 -18.15
CA SER A 124 28.14 14.99 -18.51
C SER A 124 28.61 16.15 -19.38
N TYR A 125 29.73 16.78 -18.98
CA TYR A 125 30.21 17.99 -19.65
C TYR A 125 31.65 17.84 -20.12
N ILE A 126 31.97 18.54 -21.20
CA ILE A 126 33.35 18.80 -21.61
C ILE A 126 33.48 20.31 -21.70
N GLN A 127 34.50 20.85 -21.03
CA GLN A 127 34.70 22.29 -20.93
C GLN A 127 36.07 22.64 -21.50
N CYS A 128 36.08 23.55 -22.47
CA CYS A 128 37.32 23.96 -23.11
C CYS A 128 38.07 24.96 -22.23
N LYS A 129 39.37 24.71 -22.02
CA LYS A 129 40.16 25.58 -21.14
C LYS A 129 40.43 26.94 -21.78
N GLU A 130 40.87 26.93 -23.05
CA GLU A 130 41.46 28.12 -23.66
C GLU A 130 40.60 28.73 -24.75
N VAL A 131 39.45 28.14 -25.07
CA VAL A 131 38.47 28.74 -25.96
C VAL A 131 37.10 28.64 -25.29
N ASP A 132 36.14 29.40 -25.82
CA ASP A 132 34.78 29.42 -25.28
C ASP A 132 33.99 28.30 -25.93
N TYR A 133 34.10 27.10 -25.38
CA TYR A 133 33.25 26.00 -25.85
C TYR A 133 33.04 25.02 -24.71
N ARG A 134 31.79 24.59 -24.57
CA ARG A 134 31.38 23.61 -23.57
C ARG A 134 30.30 22.75 -24.20
N SER A 135 30.37 21.44 -23.95
CA SER A 135 29.37 20.51 -24.43
C SER A 135 28.75 19.83 -23.22
N ASP A 136 27.42 19.89 -23.12
CA ASP A 136 26.68 19.30 -22.02
C ASP A 136 25.74 18.26 -22.56
N ARG A 137 25.71 17.09 -21.92
CA ARG A 137 24.76 16.04 -22.24
C ARG A 137 24.04 15.62 -20.96
N ARG A 138 22.74 15.92 -20.89
CA ARG A 138 21.87 15.32 -19.89
C ARG A 138 21.62 13.86 -20.24
N GLU A 139 21.55 13.02 -19.21
CA GLU A 139 21.27 11.60 -19.40
C GLU A 139 20.49 11.05 -18.22
N ASP A 140 19.54 10.17 -18.53
CA ASP A 140 18.93 9.27 -17.55
C ASP A 140 19.87 8.09 -17.28
N TYR A 141 19.84 7.60 -16.03
CA TYR A 141 20.52 6.37 -15.66
C TYR A 141 19.61 5.56 -14.75
N TYR A 142 19.77 4.24 -14.80
CA TYR A 142 19.03 3.32 -13.98
C TYR A 142 19.93 2.53 -13.05
N ASP A 143 21.24 2.65 -13.22
CA ASP A 143 22.23 1.91 -12.46
C ASP A 143 23.53 2.69 -12.61
N ILE A 144 24.47 2.41 -11.72
CA ILE A 144 25.76 3.06 -11.72
C ILE A 144 26.81 1.99 -11.57
N GLN A 145 27.84 2.04 -12.40
CA GLN A 145 28.96 1.11 -12.32
C GLN A 145 30.12 1.85 -11.65
N LEU A 146 30.54 1.34 -10.50
CA LEU A 146 31.57 1.97 -9.69
C LEU A 146 32.89 1.23 -9.87
N SER A 147 33.97 2.00 -10.06
CA SER A 147 35.32 1.45 -10.10
C SER A 147 35.79 1.11 -8.67
N ILE A 148 36.36 -0.07 -8.50
CA ILE A 148 36.86 -0.48 -7.19
C ILE A 148 38.36 -0.66 -7.15
N LYS A 149 39.02 -0.89 -8.29
CA LYS A 149 40.46 -1.17 -8.23
C LYS A 149 41.21 0.11 -7.84
N GLY A 150 41.90 0.05 -6.71
CA GLY A 150 42.61 1.19 -6.18
C GLY A 150 41.79 2.07 -5.25
N LYS A 151 40.49 1.80 -5.09
CA LYS A 151 39.62 2.51 -4.15
C LYS A 151 39.42 1.66 -2.90
N LYS A 152 39.43 2.31 -1.73
CA LYS A 152 39.18 1.55 -0.50
C LYS A 152 37.69 1.33 -0.22
N ASN A 153 36.79 2.24 -0.60
CA ASN A 153 35.39 2.10 -0.23
C ASN A 153 34.50 2.85 -1.24
N ILE A 154 33.19 2.79 -0.98
CA ILE A 154 32.18 3.37 -1.86
C ILE A 154 32.39 4.88 -2.01
N PHE A 155 32.65 5.57 -0.91
CA PHE A 155 32.92 7.01 -0.97
C PHE A 155 34.05 7.33 -1.95
N GLU A 156 35.15 6.59 -1.88
CA GLU A 156 36.26 6.83 -2.79
C GLU A 156 35.88 6.51 -4.23
N SER A 157 34.98 5.55 -4.43
CA SER A 157 34.46 5.27 -5.78
C SER A 157 33.67 6.44 -6.31
N PHE A 158 32.78 6.99 -5.49
CA PHE A 158 31.98 8.13 -5.92
C PHE A 158 32.86 9.36 -6.12
N VAL A 159 33.87 9.57 -5.25
CA VAL A 159 34.83 10.65 -5.49
C VAL A 159 35.45 10.49 -6.86
N ASP A 160 35.92 9.27 -7.17
CA ASP A 160 36.45 8.96 -8.49
C ASP A 160 35.44 9.23 -9.59
N TYR A 161 34.18 8.83 -9.37
CA TYR A 161 33.20 8.89 -10.44
C TYR A 161 33.00 10.31 -10.93
N VAL A 162 32.98 11.27 -10.00
CA VAL A 162 32.71 12.66 -10.33
C VAL A 162 33.99 13.48 -10.49
N ALA A 163 35.15 12.83 -10.47
CA ALA A 163 36.42 13.55 -10.54
C ALA A 163 36.66 14.09 -11.95
N VAL A 164 37.23 15.29 -12.03
CA VAL A 164 37.46 15.93 -13.32
C VAL A 164 38.67 15.30 -14.00
N GLU A 165 38.53 15.04 -15.30
CA GLU A 165 39.57 14.42 -16.09
C GLU A 165 40.18 15.45 -17.05
N GLN A 166 41.50 15.48 -17.14
CA GLN A 166 42.20 16.40 -18.03
C GLN A 166 42.35 15.80 -19.42
N LEU A 167 41.99 16.59 -20.43
CA LEU A 167 42.21 16.22 -21.83
C LEU A 167 43.21 17.22 -22.42
N ASP A 168 44.48 16.80 -22.53
CA ASP A 168 45.53 17.65 -23.05
C ASP A 168 46.61 16.78 -23.67
N GLY A 169 47.63 17.42 -24.26
CA GLY A 169 48.66 16.64 -24.92
C GLY A 169 48.05 15.79 -26.03
N ASP A 170 48.27 14.48 -25.94
CA ASP A 170 47.90 13.55 -27.01
C ASP A 170 46.42 13.13 -26.95
N ASN A 171 45.73 13.38 -25.84
CA ASN A 171 44.30 13.08 -25.74
C ASN A 171 43.44 14.35 -25.76
N LYS A 172 43.89 15.38 -26.49
CA LYS A 172 43.16 16.63 -26.60
C LYS A 172 41.77 16.41 -27.17
N TYR A 173 40.86 17.32 -26.82
CA TYR A 173 39.45 17.24 -27.20
C TYR A 173 39.25 17.84 -28.60
N ASP A 174 38.52 17.11 -29.44
CA ASP A 174 38.13 17.60 -30.77
C ASP A 174 36.96 18.56 -30.58
N ALA A 175 37.26 19.86 -30.60
CA ALA A 175 36.26 20.90 -30.39
C ALA A 175 35.75 21.46 -31.71
N GLY A 176 35.85 20.70 -32.79
CA GLY A 176 35.24 21.08 -34.05
C GLY A 176 35.82 22.34 -34.67
N GLU A 177 35.01 23.42 -34.69
CA GLU A 177 35.45 24.69 -35.26
C GLU A 177 36.72 25.20 -34.58
N HIS A 178 36.89 24.90 -33.30
CA HIS A 178 38.02 25.38 -32.50
C HIS A 178 39.21 24.43 -32.59
N GLY A 179 39.14 23.42 -33.43
CA GLY A 179 40.28 22.54 -33.58
C GLY A 179 40.49 21.70 -32.33
N LEU A 180 41.68 21.11 -32.24
CA LEU A 180 42.00 20.34 -31.06
C LEU A 180 42.31 21.29 -29.90
N GLN A 181 41.67 21.04 -28.76
CA GLN A 181 41.73 21.92 -27.61
C GLN A 181 42.02 21.13 -26.36
N GLU A 182 42.53 21.81 -25.35
CA GLU A 182 42.64 21.24 -24.01
C GLU A 182 41.37 21.54 -23.25
N ALA A 183 40.92 20.56 -22.46
CA ALA A 183 39.60 20.64 -21.87
C ALA A 183 39.54 19.77 -20.61
N GLU A 184 38.45 19.94 -19.88
CA GLU A 184 38.17 19.15 -18.67
C GLU A 184 36.84 18.43 -18.84
N LYS A 185 36.87 17.11 -18.61
CA LYS A 185 35.73 16.22 -18.74
C LYS A 185 35.24 15.84 -17.35
N GLY A 186 33.92 15.74 -17.18
CA GLY A 186 33.41 15.33 -15.88
C GLY A 186 31.97 14.90 -15.93
N VAL A 187 31.50 14.41 -14.77
CA VAL A 187 30.10 14.01 -14.59
C VAL A 187 29.60 14.58 -13.28
N LYS A 188 28.33 14.98 -13.26
CA LYS A 188 27.69 15.42 -12.04
C LYS A 188 26.34 14.72 -11.92
N PHE A 189 25.97 14.40 -10.68
CA PHE A 189 24.65 13.83 -10.43
C PHE A 189 23.66 14.95 -10.15
N LEU A 190 22.56 14.95 -10.90
CA LEU A 190 21.46 15.86 -10.63
C LEU A 190 20.49 15.25 -9.61
N THR A 191 20.13 14.00 -9.82
CA THR A 191 19.24 13.32 -8.90
C THR A 191 19.75 11.92 -8.67
N LEU A 192 19.35 11.35 -7.54
CA LEU A 192 19.53 9.96 -7.20
C LEU A 192 18.17 9.34 -6.93
N PRO A 193 17.87 8.17 -7.48
CA PRO A 193 16.51 7.60 -7.36
C PRO A 193 16.24 7.02 -5.97
N PRO A 194 14.97 6.75 -5.67
CA PRO A 194 14.66 6.11 -4.38
C PRO A 194 15.33 4.74 -4.20
N VAL A 195 15.50 3.99 -5.29
CA VAL A 195 16.12 2.67 -5.26
C VAL A 195 17.36 2.75 -6.13
N LEU A 196 18.53 2.59 -5.52
CA LEU A 196 19.82 2.84 -6.16
C LEU A 196 20.54 1.52 -6.43
N HIS A 197 20.73 1.21 -7.72
CA HIS A 197 21.40 -0.02 -8.18
C HIS A 197 22.86 0.30 -8.49
N LEU A 198 23.79 -0.27 -7.71
CA LEU A 198 25.22 -0.05 -7.89
C LEU A 198 25.93 -1.37 -8.23
N GLN A 199 26.47 -1.48 -9.43
CA GLN A 199 27.34 -2.60 -9.76
C GLN A 199 28.78 -2.21 -9.48
N LEU A 200 29.52 -3.11 -8.85
CA LEU A 200 30.95 -2.90 -8.64
C LEU A 200 31.70 -3.57 -9.78
N MET A 201 32.75 -2.90 -10.26
CA MET A 201 33.50 -3.43 -11.40
C MET A 201 34.48 -4.48 -10.89
N ARG A 202 33.99 -5.71 -10.76
CA ARG A 202 34.80 -6.78 -10.19
C ARG A 202 35.44 -7.67 -11.25
N PHE A 203 35.24 -7.38 -12.54
CA PHE A 203 35.97 -8.03 -13.62
C PHE A 203 36.61 -6.94 -14.46
N MET A 204 37.91 -7.05 -14.67
CA MET A 204 38.66 -6.12 -15.50
C MET A 204 39.38 -6.92 -16.58
N TYR A 205 39.43 -6.35 -17.78
CA TYR A 205 40.26 -6.95 -18.81
C TYR A 205 41.73 -6.81 -18.44
N ASP A 206 42.48 -7.92 -18.51
CA ASP A 206 43.89 -7.96 -18.17
C ASP A 206 44.71 -8.25 -19.42
N PRO A 207 45.67 -7.38 -19.80
CA PRO A 207 46.50 -7.69 -20.99
C PRO A 207 47.39 -8.92 -20.85
N GLN A 208 47.70 -9.36 -19.62
CA GLN A 208 48.67 -10.44 -19.42
C GLN A 208 48.14 -11.78 -19.94
N THR A 209 46.86 -12.07 -19.69
CA THR A 209 46.18 -13.23 -20.23
C THR A 209 45.30 -12.90 -21.44
N ASP A 210 45.21 -11.63 -21.81
CA ASP A 210 44.34 -11.19 -22.90
C ASP A 210 42.92 -11.73 -22.71
N GLN A 211 42.35 -11.38 -21.56
CA GLN A 211 41.02 -11.85 -21.20
C GLN A 211 40.61 -11.13 -19.91
N ASN A 212 39.37 -11.34 -19.51
CA ASN A 212 38.88 -10.77 -18.26
C ASN A 212 39.27 -11.63 -17.08
N ILE A 213 39.66 -10.98 -15.98
CA ILE A 213 39.85 -11.66 -14.71
C ILE A 213 39.01 -10.95 -13.66
N LYS A 214 38.71 -11.68 -12.59
CA LYS A 214 38.01 -11.12 -11.45
C LYS A 214 38.99 -10.37 -10.58
N ILE A 215 38.60 -9.19 -10.09
CA ILE A 215 39.38 -8.50 -9.08
C ILE A 215 38.76 -8.76 -7.72
N ASN A 216 39.55 -9.33 -6.82
CA ASN A 216 39.09 -9.82 -5.53
C ASN A 216 39.53 -8.93 -4.37
N ASP A 217 40.00 -7.72 -4.68
CA ASP A 217 40.45 -6.78 -3.67
C ASP A 217 39.36 -6.46 -2.66
N ARG A 218 39.79 -6.08 -1.46
CA ARG A 218 38.89 -5.58 -0.44
C ARG A 218 38.30 -4.23 -0.87
N PHE A 219 36.98 -4.11 -0.77
CA PHE A 219 36.30 -2.86 -1.11
C PHE A 219 35.10 -2.72 -0.18
N GLU A 220 35.13 -1.69 0.66
CA GLU A 220 34.17 -1.58 1.75
C GLU A 220 32.95 -0.75 1.36
N PHE A 221 31.79 -1.20 1.82
CA PHE A 221 30.58 -0.45 1.60
C PHE A 221 29.81 -0.37 2.91
N PRO A 222 29.15 0.75 3.17
CA PRO A 222 28.50 0.97 4.47
C PRO A 222 27.02 0.59 4.48
N GLU A 223 26.50 0.40 5.70
CA GLU A 223 25.08 0.14 5.85
C GLU A 223 24.25 1.40 5.57
N GLN A 224 24.78 2.57 5.94
CA GLN A 224 24.18 3.87 5.63
C GLN A 224 25.17 4.67 4.79
N LEU A 225 24.66 5.28 3.73
CA LEU A 225 25.50 5.91 2.70
C LEU A 225 24.97 7.30 2.42
N PRO A 226 25.63 8.35 2.94
CA PRO A 226 25.23 9.72 2.61
C PRO A 226 25.86 10.14 1.28
N LEU A 227 25.03 10.66 0.38
CA LEU A 227 25.49 11.01 -0.97
C LEU A 227 25.31 12.49 -1.32
N ASP A 228 24.89 13.32 -0.37
CA ASP A 228 24.61 14.73 -0.68
C ASP A 228 25.76 15.41 -1.40
N GLU A 229 27.01 15.10 -1.03
CA GLU A 229 28.14 15.83 -1.58
C GLU A 229 28.40 15.52 -3.05
N PHE A 230 27.73 14.52 -3.63
CA PHE A 230 27.87 14.21 -5.05
C PHE A 230 26.73 14.74 -5.89
N LEU A 231 25.78 15.44 -5.27
CA LEU A 231 24.74 16.14 -6.01
C LEU A 231 25.22 17.53 -6.39
N GLN A 232 24.94 17.93 -7.63
CA GLN A 232 25.32 19.28 -8.02
C GLN A 232 24.61 20.32 -7.16
N LYS A 233 23.32 20.11 -6.88
CA LYS A 233 22.59 20.94 -5.92
C LYS A 233 21.87 20.03 -4.93
N THR A 234 22.11 20.25 -3.64
CA THR A 234 21.45 19.48 -2.59
C THR A 234 20.14 20.13 -2.17
N ASP A 235 19.28 19.31 -1.56
CA ASP A 235 17.94 19.69 -1.13
C ASP A 235 17.85 19.59 0.38
N PRO A 236 17.72 20.72 1.10
CA PRO A 236 17.58 20.62 2.56
C PRO A 236 16.31 19.90 3.03
N LYS A 237 15.33 19.70 2.12
CA LYS A 237 14.07 19.02 2.44
C LYS A 237 14.13 17.50 2.25
N ASP A 238 15.23 16.96 1.67
CA ASP A 238 15.41 15.52 1.55
C ASP A 238 16.90 15.23 1.33
N PRO A 239 17.66 14.92 2.39
CA PRO A 239 19.08 14.62 2.18
C PRO A 239 19.22 13.27 1.47
N ALA A 240 20.29 13.16 0.68
CA ALA A 240 20.53 11.95 -0.10
C ALA A 240 21.21 10.88 0.76
N ASN A 241 20.49 10.44 1.79
CA ASN A 241 20.93 9.39 2.70
C ASN A 241 20.31 8.07 2.30
N TYR A 242 21.15 7.04 2.14
CA TYR A 242 20.73 5.77 1.57
C TYR A 242 20.95 4.63 2.57
N ILE A 243 20.10 3.62 2.48
CA ILE A 243 20.05 2.50 3.42
C ILE A 243 20.31 1.23 2.62
N LEU A 244 21.31 0.45 3.05
CA LEU A 244 21.65 -0.76 2.31
C LEU A 244 20.53 -1.80 2.41
N HIS A 245 20.09 -2.29 1.26
CA HIS A 245 19.01 -3.27 1.16
C HIS A 245 19.46 -4.66 0.72
N ALA A 246 20.38 -4.77 -0.25
CA ALA A 246 20.74 -6.06 -0.79
C ALA A 246 22.21 -6.05 -1.20
N VAL A 247 22.83 -7.23 -1.10
CA VAL A 247 24.22 -7.43 -1.47
C VAL A 247 24.26 -8.69 -2.33
N LEU A 248 24.48 -8.52 -3.63
CA LEU A 248 24.61 -9.63 -4.56
C LEU A 248 26.09 -10.03 -4.64
N VAL A 249 26.36 -11.32 -4.39
CA VAL A 249 27.69 -11.83 -4.08
C VAL A 249 28.09 -12.89 -5.11
N HIS A 250 29.39 -12.97 -5.38
CA HIS A 250 29.97 -13.99 -6.25
C HIS A 250 31.19 -14.63 -5.58
N SER A 251 31.23 -15.97 -5.64
CA SER A 251 32.33 -16.78 -5.12
C SER A 251 32.98 -17.55 -6.26
N GLY A 252 34.28 -17.38 -6.43
CA GLY A 252 35.07 -18.03 -7.47
C GLY A 252 35.67 -17.02 -8.42
N ASP A 253 36.38 -17.53 -9.40
CA ASP A 253 36.98 -16.67 -10.43
C ASP A 253 36.31 -16.84 -11.77
N ASN A 254 35.07 -17.32 -11.78
CA ASN A 254 34.53 -18.03 -12.91
C ASN A 254 33.02 -17.88 -12.96
N HIS A 255 32.47 -17.86 -14.18
CA HIS A 255 31.01 -17.91 -14.30
C HIS A 255 30.46 -19.20 -13.71
N GLY A 256 31.30 -20.21 -13.51
CA GLY A 256 30.95 -21.43 -12.81
C GLY A 256 31.00 -21.34 -11.30
N GLY A 257 31.29 -20.16 -10.76
CA GLY A 257 31.30 -19.99 -9.33
C GLY A 257 29.88 -19.88 -8.76
N HIS A 258 29.83 -19.43 -7.51
CA HIS A 258 28.62 -19.47 -6.71
C HIS A 258 28.05 -18.07 -6.58
N TYR A 259 26.77 -17.91 -6.93
CA TYR A 259 26.05 -16.64 -6.82
C TYR A 259 25.01 -16.72 -5.72
N VAL A 260 25.06 -15.76 -4.78
CA VAL A 260 24.06 -15.64 -3.73
C VAL A 260 23.73 -14.16 -3.53
N VAL A 261 22.62 -13.91 -2.83
CA VAL A 261 22.19 -12.55 -2.47
C VAL A 261 21.85 -12.49 -0.98
N TYR A 262 22.33 -11.45 -0.32
CA TYR A 262 21.94 -11.12 1.05
C TYR A 262 20.99 -9.93 1.00
N LEU A 263 19.89 -10.02 1.74
CA LEU A 263 18.91 -8.95 1.80
C LEU A 263 18.47 -8.76 3.25
N ASN A 264 18.05 -7.55 3.58
CA ASN A 264 17.24 -7.37 4.78
C ASN A 264 15.94 -6.80 4.23
N PRO A 265 14.99 -7.68 3.86
CA PRO A 265 13.88 -7.24 3.01
C PRO A 265 13.08 -6.10 3.59
N LYS A 266 12.87 -6.07 4.90
CA LYS A 266 12.08 -4.99 5.52
C LYS A 266 12.91 -3.75 5.81
N GLY A 267 14.20 -3.77 5.52
CA GLY A 267 14.98 -2.57 5.77
C GLY A 267 15.24 -2.30 7.23
N ASP A 268 15.06 -3.31 8.10
CA ASP A 268 15.22 -3.15 9.53
C ASP A 268 16.54 -3.73 10.05
N GLY A 269 17.48 -4.07 9.16
CA GLY A 269 18.76 -4.64 9.59
C GLY A 269 18.70 -6.08 10.05
N LYS A 270 17.61 -6.80 9.77
CA LYS A 270 17.54 -8.24 10.03
C LYS A 270 17.74 -8.95 8.68
N TRP A 271 18.91 -9.56 8.52
CA TRP A 271 19.39 -10.06 7.24
C TRP A 271 19.14 -11.56 7.07
N CYS A 272 18.90 -11.95 5.82
CA CYS A 272 18.87 -13.35 5.42
C CYS A 272 19.77 -13.56 4.22
N LYS A 273 20.23 -14.81 4.08
CA LYS A 273 21.01 -15.27 2.94
C LYS A 273 20.11 -16.09 2.03
N PHE A 274 20.06 -15.72 0.75
CA PHE A 274 19.21 -16.40 -0.23
C PHE A 274 20.12 -17.21 -1.15
N ASP A 275 20.13 -18.51 -0.94
CA ASP A 275 21.11 -19.40 -1.61
C ASP A 275 20.30 -20.38 -2.43
N ASP A 276 19.88 -19.92 -3.61
CA ASP A 276 18.86 -20.60 -4.40
C ASP A 276 17.70 -21.08 -3.53
N ASP A 277 17.55 -22.39 -3.37
CA ASP A 277 16.40 -22.94 -2.65
C ASP A 277 16.52 -22.82 -1.12
N VAL A 278 17.70 -22.48 -0.60
CA VAL A 278 17.92 -22.43 0.85
C VAL A 278 18.00 -20.98 1.29
N VAL A 279 17.03 -20.55 2.11
CA VAL A 279 17.02 -19.22 2.73
C VAL A 279 17.24 -19.41 4.22
N SER A 280 18.19 -18.66 4.78
CA SER A 280 18.49 -18.76 6.20
C SER A 280 18.77 -17.37 6.77
N ARG A 281 18.42 -17.20 8.03
CA ARG A 281 18.81 -15.97 8.71
C ARG A 281 20.32 -15.95 8.84
N CYS A 282 20.88 -14.73 8.82
CA CYS A 282 22.32 -14.55 8.95
C CYS A 282 22.58 -13.28 9.73
N THR A 283 23.82 -13.12 10.19
CA THR A 283 24.22 -11.92 10.91
C THR A 283 24.51 -10.77 9.95
N LYS A 284 24.45 -9.55 10.48
CA LYS A 284 24.78 -8.38 9.69
C LYS A 284 26.22 -8.45 9.18
N GLU A 285 27.12 -9.06 9.95
CA GLU A 285 28.52 -9.16 9.55
C GLU A 285 28.69 -10.07 8.33
N GLU A 286 27.93 -11.18 8.28
CA GLU A 286 28.00 -12.04 7.11
C GLU A 286 27.45 -11.37 5.86
N ALA A 287 26.45 -10.48 5.99
CA ALA A 287 25.94 -9.77 4.81
C ALA A 287 26.90 -8.67 4.35
N ILE A 288 27.53 -7.97 5.27
CA ILE A 288 28.26 -6.78 4.84
C ILE A 288 29.76 -6.99 4.85
N GLU A 289 30.36 -7.06 6.04
CA GLU A 289 31.82 -7.02 6.11
C GLU A 289 32.44 -8.24 5.46
N HIS A 290 31.77 -9.39 5.54
CA HIS A 290 32.31 -10.64 5.00
C HIS A 290 32.35 -10.65 3.48
N ASN A 291 31.69 -9.70 2.82
CA ASN A 291 31.62 -9.61 1.37
C ASN A 291 32.45 -8.45 0.83
N TYR A 292 33.25 -7.82 1.69
CA TYR A 292 34.18 -6.78 1.26
C TYR A 292 35.25 -7.34 0.33
N GLY A 293 35.65 -8.60 0.53
CA GLY A 293 36.66 -9.22 -0.31
C GLY A 293 38.01 -9.29 0.38
N GLY A 294 38.70 -10.41 0.25
CA GLY A 294 39.91 -10.61 1.01
C GLY A 294 40.93 -9.51 0.81
N HIS A 295 41.40 -8.92 1.92
CA HIS A 295 42.54 -8.02 1.83
C HIS A 295 43.78 -8.84 1.51
N ASP A 296 44.59 -8.34 0.58
CA ASP A 296 45.69 -9.09 -0.03
C ASP A 296 46.39 -10.03 0.96
N ASP A 297 46.79 -9.50 2.12
CA ASP A 297 47.40 -10.32 3.16
C ASP A 297 46.48 -11.49 3.49
N ASP A 298 46.88 -12.71 3.11
CA ASP A 298 46.05 -13.91 3.19
C ASP A 298 46.48 -14.95 2.16
N HIS A 303 40.72 -15.68 -0.94
CA HIS A 303 39.37 -15.18 -0.74
C HIS A 303 38.82 -14.59 -2.03
N CYS A 304 38.02 -15.38 -2.75
CA CYS A 304 37.37 -14.90 -3.96
C CYS A 304 35.84 -14.78 -3.80
N THR A 305 35.37 -14.46 -2.59
CA THR A 305 33.96 -14.18 -2.32
C THR A 305 33.78 -12.69 -2.03
N ASN A 306 32.87 -12.06 -2.76
CA ASN A 306 32.70 -10.63 -2.54
C ASN A 306 31.47 -10.11 -3.27
N ALA A 307 31.09 -8.89 -2.88
CA ALA A 307 29.93 -8.25 -3.50
C ALA A 307 30.28 -7.75 -4.89
N TYR A 308 29.38 -7.98 -5.84
CA TYR A 308 29.45 -7.28 -7.12
C TYR A 308 28.33 -6.29 -7.36
N MET A 309 27.27 -6.30 -6.55
CA MET A 309 26.21 -5.34 -6.73
C MET A 309 25.53 -5.09 -5.39
N LEU A 310 25.23 -3.82 -5.13
CA LEU A 310 24.56 -3.37 -3.92
C LEU A 310 23.29 -2.65 -4.34
N VAL A 311 22.23 -2.83 -3.55
CA VAL A 311 21.02 -2.03 -3.67
C VAL A 311 20.91 -1.18 -2.41
N TYR A 312 20.82 0.13 -2.61
CA TYR A 312 20.51 1.08 -1.53
C TYR A 312 19.14 1.72 -1.76
N ILE A 313 18.50 2.09 -0.66
CA ILE A 313 17.19 2.71 -0.71
C ILE A 313 17.25 4.04 0.02
N ARG A 314 16.71 5.09 -0.58
CA ARG A 314 16.76 6.41 0.05
C ARG A 314 15.98 6.39 1.35
N GLU A 315 16.62 6.92 2.41
CA GLU A 315 16.00 6.99 3.73
C GLU A 315 14.56 7.47 3.64
N SER A 316 14.34 8.61 2.98
CA SER A 316 13.02 9.22 3.01
C SER A 316 11.99 8.39 2.29
N LYS A 317 12.41 7.42 1.47
CA LYS A 317 11.47 6.63 0.70
C LYS A 317 11.34 5.19 1.18
N LEU A 318 12.07 4.80 2.24
CA LEU A 318 12.09 3.40 2.66
C LEU A 318 10.71 2.84 2.95
N SER A 319 9.90 3.55 3.77
CA SER A 319 8.61 3.00 4.20
C SER A 319 7.64 2.87 3.03
N GLU A 320 7.77 3.75 2.04
CA GLU A 320 7.03 3.64 0.78
C GLU A 320 7.56 2.50 -0.09
N VAL A 321 8.89 2.45 -0.30
CA VAL A 321 9.42 1.42 -1.19
C VAL A 321 9.13 0.04 -0.60
N LEU A 322 9.34 -0.09 0.71
CA LEU A 322 9.21 -1.36 1.40
C LEU A 322 7.84 -1.53 2.06
N GLN A 323 6.83 -0.81 1.59
CA GLN A 323 5.50 -0.95 2.16
C GLN A 323 5.06 -2.41 2.10
N ALA A 324 4.48 -2.89 3.20
CA ALA A 324 4.11 -4.29 3.31
C ALA A 324 3.13 -4.67 2.20
N VAL A 325 3.15 -5.95 1.82
CA VAL A 325 2.31 -6.47 0.75
C VAL A 325 1.44 -7.57 1.34
N THR A 326 0.12 -7.45 1.14
CA THR A 326 -0.82 -8.52 1.46
C THR A 326 -1.24 -9.21 0.17
N ASP A 327 -2.06 -10.25 0.30
CA ASP A 327 -2.58 -10.95 -0.90
C ASP A 327 -3.70 -10.11 -1.52
N HIS A 328 -4.19 -9.11 -0.80
CA HIS A 328 -5.21 -8.19 -1.36
C HIS A 328 -4.56 -7.28 -2.39
N ASP A 329 -3.23 -7.26 -2.43
CA ASP A 329 -2.51 -6.44 -3.42
C ASP A 329 -2.47 -7.19 -4.75
N ILE A 330 -2.84 -8.47 -4.74
CA ILE A 330 -2.85 -9.29 -5.98
C ILE A 330 -4.29 -9.43 -6.49
N PRO A 331 -4.64 -8.95 -7.69
CA PRO A 331 -6.04 -9.00 -8.14
C PRO A 331 -6.57 -10.43 -8.20
N GLN A 332 -7.84 -10.59 -7.82
CA GLN A 332 -8.42 -11.94 -7.81
C GLN A 332 -8.33 -12.59 -9.17
N GLN A 333 -8.58 -11.84 -10.26
CA GLN A 333 -8.38 -12.36 -11.61
C GLN A 333 -7.04 -13.10 -11.75
N LEU A 334 -5.93 -12.42 -11.42
CA LEU A 334 -4.61 -13.02 -11.61
C LEU A 334 -4.44 -14.27 -10.76
N VAL A 335 -4.93 -14.24 -9.52
CA VAL A 335 -4.87 -15.39 -8.64
C VAL A 335 -5.52 -16.60 -9.31
N GLU A 336 -6.70 -16.40 -9.89
CA GLU A 336 -7.39 -17.49 -10.56
C GLU A 336 -6.59 -18.03 -11.72
N ARG A 337 -6.04 -17.14 -12.54
CA ARG A 337 -5.26 -17.60 -13.69
C ARG A 337 -4.08 -18.47 -13.24
N LEU A 338 -3.34 -18.02 -12.22
CA LEU A 338 -2.21 -18.80 -11.74
C LEU A 338 -2.65 -20.10 -11.07
N GLN A 339 -3.79 -20.08 -10.40
CA GLN A 339 -4.29 -21.31 -9.77
C GLN A 339 -4.76 -22.34 -10.80
N GLU A 340 -5.39 -21.90 -11.89
CA GLU A 340 -5.70 -22.81 -12.98
C GLU A 340 -4.42 -23.45 -13.52
N GLU A 341 -3.40 -22.64 -13.82
CA GLU A 341 -2.06 -23.14 -14.14
C GLU A 341 -1.66 -24.31 -13.26
N LYS A 342 -1.76 -24.12 -11.93
CA LYS A 342 -1.21 -25.07 -10.98
C LYS A 342 -2.01 -26.37 -10.96
N ARG A 343 -3.33 -26.29 -11.16
CA ARG A 343 -4.16 -27.48 -11.17
C ARG A 343 -3.87 -28.36 -12.39
N ILE A 344 -3.59 -27.74 -13.54
CA ILE A 344 -3.37 -28.50 -14.78
C ILE A 344 -2.18 -29.45 -14.64
N GLU A 345 -1.05 -28.96 -14.12
CA GLU A 345 0.10 -29.85 -13.97
C GLU A 345 -0.03 -30.75 -12.74
N ALA A 346 -0.62 -30.25 -11.65
CA ALA A 346 -0.84 -31.09 -10.46
C ALA A 346 -1.53 -32.41 -10.81
N GLN A 347 -2.27 -32.46 -11.92
CA GLN A 347 -2.99 -33.67 -12.34
C GLN A 347 -2.28 -34.43 -13.47
N LYS B 2 -3.71 23.45 8.38
CA LYS B 2 -3.59 22.00 8.27
C LYS B 2 -2.41 21.50 9.13
N LYS B 3 -1.38 22.33 9.28
CA LYS B 3 -0.16 21.88 9.95
C LYS B 3 -0.33 21.68 11.45
N HIS B 4 -1.40 22.21 12.06
CA HIS B 4 -1.63 21.92 13.47
C HIS B 4 -1.61 20.41 13.72
N THR B 5 -2.36 19.67 12.88
CA THR B 5 -2.56 18.23 13.02
C THR B 5 -2.11 17.43 11.80
N GLY B 6 -1.87 18.07 10.66
CA GLY B 6 -1.63 17.37 9.40
C GLY B 6 -2.90 17.02 8.64
N TYR B 7 -4.06 17.31 9.21
CA TYR B 7 -5.34 16.95 8.63
C TYR B 7 -6.12 18.23 8.32
N VAL B 8 -6.80 18.23 7.17
CA VAL B 8 -7.57 19.37 6.72
C VAL B 8 -9.07 19.11 6.89
N GLY B 9 -9.82 20.19 7.09
CA GLY B 9 -11.24 20.10 7.32
C GLY B 9 -12.05 20.09 6.02
N LEU B 10 -13.36 19.98 6.19
CA LEU B 10 -14.34 20.09 5.12
C LEU B 10 -15.18 21.34 5.34
N LYS B 11 -15.45 22.10 4.28
CA LYS B 11 -16.23 23.33 4.42
C LYS B 11 -17.63 23.03 4.98
N ASN B 12 -18.12 23.89 5.85
CA ASN B 12 -19.55 23.92 6.11
C ASN B 12 -20.23 24.59 4.91
N GLN B 13 -20.90 23.79 4.10
CA GLN B 13 -21.61 24.26 2.90
C GLN B 13 -23.07 23.85 3.04
N GLY B 14 -23.87 24.74 3.61
CA GLY B 14 -25.24 24.41 3.90
C GLY B 14 -25.34 23.40 5.05
N ALA B 15 -26.58 22.98 5.28
CA ALA B 15 -26.88 22.02 6.34
C ALA B 15 -26.94 20.63 5.73
N THR B 16 -25.82 19.91 5.81
CA THR B 16 -25.71 18.53 5.38
C THR B 16 -25.55 17.56 6.55
N CYS B 17 -25.79 18.03 7.78
CA CYS B 17 -25.88 17.19 8.97
C CYS B 17 -24.63 16.32 9.17
N TYR B 18 -24.77 15.00 9.00
CA TYR B 18 -23.72 14.02 9.25
C TYR B 18 -22.75 13.84 8.08
N MET B 19 -22.96 14.52 6.94
CA MET B 19 -22.16 14.23 5.75
C MET B 19 -20.68 14.43 6.02
N ASN B 20 -20.29 15.59 6.54
CA ASN B 20 -18.86 15.85 6.70
C ASN B 20 -18.24 14.80 7.61
N SER B 21 -18.94 14.42 8.67
CA SER B 21 -18.46 13.39 9.58
C SER B 21 -18.21 12.07 8.86
N LEU B 22 -19.20 11.62 8.08
CA LEU B 22 -19.05 10.39 7.31
C LEU B 22 -17.90 10.50 6.31
N LEU B 23 -17.78 11.64 5.62
CA LEU B 23 -16.72 11.71 4.61
C LEU B 23 -15.34 11.55 5.22
N GLN B 24 -15.08 12.18 6.37
CA GLN B 24 -13.78 12.00 7.04
C GLN B 24 -13.57 10.54 7.43
N THR B 25 -14.61 9.90 7.97
CA THR B 25 -14.55 8.50 8.38
C THR B 25 -14.13 7.60 7.21
N LEU B 26 -14.72 7.83 6.04
CA LEU B 26 -14.38 7.06 4.85
C LEU B 26 -13.00 7.44 4.33
N PHE B 27 -12.68 8.73 4.34
CA PHE B 27 -11.37 9.16 3.87
C PHE B 27 -10.27 8.44 4.64
N PHE B 28 -10.44 8.28 5.95
CA PHE B 28 -9.39 7.69 6.76
C PHE B 28 -9.50 6.17 6.82
N THR B 29 -10.35 5.55 6.00
CA THR B 29 -10.32 4.11 5.77
C THR B 29 -9.37 3.90 4.60
N ASN B 30 -8.07 3.93 4.92
CA ASN B 30 -7.03 4.12 3.90
C ASN B 30 -7.17 3.12 2.76
N GLN B 31 -7.40 1.85 3.07
CA GLN B 31 -7.55 0.84 2.02
C GLN B 31 -8.70 1.15 1.08
N LEU B 32 -9.81 1.66 1.62
CA LEU B 32 -10.90 2.14 0.76
C LEU B 32 -10.45 3.31 -0.08
N ARG B 33 -9.76 4.28 0.54
CA ARG B 33 -9.31 5.46 -0.19
C ARG B 33 -8.44 5.06 -1.38
N LYS B 34 -7.45 4.18 -1.16
CA LYS B 34 -6.58 3.75 -2.24
C LYS B 34 -7.38 3.06 -3.36
N ALA B 35 -8.33 2.19 -2.98
CA ALA B 35 -9.19 1.57 -3.98
C ALA B 35 -9.96 2.59 -4.79
N VAL B 36 -10.48 3.64 -4.13
CA VAL B 36 -11.24 4.69 -4.80
C VAL B 36 -10.37 5.44 -5.82
N TYR B 37 -9.11 5.74 -5.45
CA TYR B 37 -8.21 6.38 -6.42
C TYR B 37 -7.99 5.56 -7.69
N MET B 38 -8.08 4.22 -7.58
CA MET B 38 -7.87 3.27 -8.68
C MET B 38 -9.05 3.18 -9.64
N MET B 39 -10.20 3.79 -9.31
CA MET B 39 -11.37 3.63 -10.17
C MET B 39 -11.11 4.27 -11.53
N PRO B 40 -11.58 3.64 -12.60
CA PRO B 40 -11.33 4.16 -13.97
C PRO B 40 -12.36 5.20 -14.40
N THR B 41 -12.19 6.42 -13.89
CA THR B 41 -13.11 7.52 -14.14
C THR B 41 -12.73 8.34 -15.37
N GLU B 42 -11.90 7.79 -16.27
CA GLU B 42 -11.46 8.49 -17.47
C GLU B 42 -12.63 9.13 -18.22
N GLY B 43 -13.57 8.29 -18.67
CA GLY B 43 -14.66 8.73 -19.52
C GLY B 43 -15.82 9.37 -18.79
N ASP B 44 -15.77 9.38 -17.46
CA ASP B 44 -16.87 9.92 -16.67
C ASP B 44 -17.03 11.41 -16.88
N ASP B 45 -18.30 11.86 -16.87
CA ASP B 45 -18.63 13.28 -16.86
C ASP B 45 -18.44 13.83 -15.45
N SER B 46 -17.77 14.98 -15.35
CA SER B 46 -17.31 15.48 -14.04
C SER B 46 -18.46 15.84 -13.11
N SER B 47 -19.55 16.40 -13.64
CA SER B 47 -20.65 16.86 -12.79
C SER B 47 -21.54 15.72 -12.31
N LYS B 48 -21.71 14.66 -13.11
CA LYS B 48 -22.66 13.61 -12.76
C LYS B 48 -22.02 12.39 -12.09
N SER B 49 -20.71 12.20 -12.19
CA SER B 49 -20.08 10.98 -11.71
C SER B 49 -19.82 11.08 -10.21
N VAL B 50 -20.56 10.29 -9.42
CA VAL B 50 -20.27 10.18 -7.99
C VAL B 50 -18.90 9.61 -7.75
N PRO B 51 -18.45 8.56 -8.45
CA PRO B 51 -17.09 8.05 -8.19
C PRO B 51 -16.01 9.11 -8.39
N LEU B 52 -16.07 9.88 -9.47
CA LEU B 52 -15.08 10.94 -9.66
C LEU B 52 -15.17 11.96 -8.53
N ALA B 53 -16.40 12.32 -8.12
CA ALA B 53 -16.59 13.33 -7.09
C ALA B 53 -15.98 12.88 -5.77
N LEU B 54 -16.09 11.59 -5.45
CA LEU B 54 -15.45 11.08 -4.25
C LEU B 54 -13.93 11.08 -4.40
N GLN B 55 -13.41 10.68 -5.57
CA GLN B 55 -11.99 10.84 -5.86
C GLN B 55 -11.54 12.27 -5.61
N ARG B 56 -12.35 13.23 -6.07
CA ARG B 56 -12.02 14.66 -5.94
C ARG B 56 -11.98 15.08 -4.46
N VAL B 57 -13.00 14.69 -3.70
CA VAL B 57 -13.00 15.05 -2.28
C VAL B 57 -11.80 14.43 -1.59
N PHE B 58 -11.56 13.13 -1.85
CA PHE B 58 -10.42 12.45 -1.22
C PHE B 58 -9.10 13.09 -1.66
N TYR B 59 -8.92 13.36 -2.96
CA TYR B 59 -7.69 14.01 -3.41
C TYR B 59 -7.47 15.33 -2.66
N GLU B 60 -8.51 16.16 -2.54
CA GLU B 60 -8.37 17.44 -1.84
C GLU B 60 -8.11 17.24 -0.34
N LEU B 61 -8.78 16.28 0.27
CA LEU B 61 -8.50 16.00 1.68
C LEU B 61 -7.03 15.61 1.87
N GLN B 62 -6.45 14.90 0.91
CA GLN B 62 -5.07 14.44 1.09
C GLN B 62 -4.04 15.52 0.79
N HIS B 63 -4.37 16.48 -0.09
CA HIS B 63 -3.37 17.43 -0.58
C HIS B 63 -3.63 18.88 -0.23
N SER B 64 -4.90 19.30 -0.06
CA SER B 64 -5.19 20.72 0.15
C SER B 64 -4.77 21.15 1.55
N ASP B 65 -4.28 22.39 1.68
CA ASP B 65 -4.08 22.90 3.03
C ASP B 65 -5.19 23.87 3.44
N LYS B 66 -6.15 24.12 2.57
CA LYS B 66 -7.37 24.88 2.85
C LYS B 66 -8.55 23.93 2.96
N PRO B 67 -9.63 24.32 3.67
CA PRO B 67 -10.78 23.40 3.84
C PRO B 67 -11.37 23.02 2.48
N VAL B 68 -11.93 21.81 2.44
CA VAL B 68 -12.33 21.15 1.19
C VAL B 68 -13.83 21.29 0.96
N GLY B 69 -14.22 21.60 -0.30
CA GLY B 69 -15.61 21.74 -0.68
C GLY B 69 -16.23 20.42 -1.15
N THR B 70 -17.56 20.40 -1.16
CA THR B 70 -18.30 19.16 -1.43
C THR B 70 -19.45 19.40 -2.39
N LYS B 71 -19.57 20.59 -2.97
CA LYS B 71 -20.75 20.91 -3.76
C LYS B 71 -20.86 20.01 -4.97
N LYS B 72 -19.74 19.69 -5.62
CA LYS B 72 -19.80 18.74 -6.72
C LYS B 72 -20.23 17.35 -6.23
N LEU B 73 -19.79 16.95 -5.04
CA LEU B 73 -20.23 15.66 -4.50
C LEU B 73 -21.74 15.64 -4.25
N THR B 74 -22.28 16.63 -3.54
CA THR B 74 -23.72 16.63 -3.23
C THR B 74 -24.55 16.73 -4.50
N LYS B 75 -24.12 17.53 -5.47
CA LYS B 75 -24.81 17.55 -6.75
C LYS B 75 -24.82 16.16 -7.39
N SER B 76 -23.70 15.44 -7.32
CA SER B 76 -23.56 14.21 -8.09
C SER B 76 -24.48 13.10 -7.60
N PHE B 77 -24.74 12.97 -6.29
CA PHE B 77 -25.67 11.95 -5.81
C PHE B 77 -27.03 12.52 -5.36
N GLY B 78 -27.26 13.82 -5.50
CA GLY B 78 -28.61 14.35 -5.54
C GLY B 78 -29.19 14.89 -4.24
N TRP B 79 -28.43 14.91 -3.15
CA TRP B 79 -28.94 15.43 -1.86
C TRP B 79 -28.46 16.87 -1.72
N GLU B 80 -29.23 17.82 -2.26
CA GLU B 80 -28.80 19.21 -2.26
C GLU B 80 -29.54 20.10 -1.26
N THR B 81 -30.36 19.51 -0.39
CA THR B 81 -31.21 20.28 0.51
C THR B 81 -31.22 19.65 1.90
N LEU B 82 -31.56 20.45 2.89
CA LEU B 82 -31.62 19.95 4.26
C LEU B 82 -32.55 18.75 4.37
N ASP B 83 -33.66 18.76 3.62
CA ASP B 83 -34.65 17.68 3.67
C ASP B 83 -34.03 16.33 3.30
N SER B 84 -33.13 16.29 2.31
CA SER B 84 -32.53 15.01 1.91
C SER B 84 -31.84 14.33 3.10
N PHE B 85 -31.13 15.11 3.93
CA PHE B 85 -30.42 14.56 5.07
C PHE B 85 -31.32 14.27 6.26
N MET B 86 -32.42 15.02 6.42
CA MET B 86 -33.34 14.76 7.52
C MET B 86 -34.09 13.45 7.32
N GLN B 87 -34.36 13.10 6.06
CA GLN B 87 -35.17 11.97 5.66
C GLN B 87 -34.35 10.69 5.40
N HIS B 88 -33.05 10.71 5.71
CA HIS B 88 -32.19 9.54 5.59
C HIS B 88 -31.32 9.40 6.85
N ASP B 89 -31.02 8.15 7.23
CA ASP B 89 -30.05 7.89 8.29
C ASP B 89 -28.62 7.93 7.73
N VAL B 90 -27.64 8.04 8.64
CA VAL B 90 -26.25 8.14 8.20
C VAL B 90 -25.84 6.92 7.36
N GLN B 91 -26.25 5.72 7.79
CA GLN B 91 -25.87 4.49 7.08
C GLN B 91 -26.46 4.44 5.68
N GLU B 92 -27.61 5.09 5.45
CA GLU B 92 -28.17 5.16 4.10
C GLU B 92 -27.29 5.99 3.17
N LEU B 93 -26.75 7.11 3.66
CA LEU B 93 -25.78 7.85 2.86
C LEU B 93 -24.53 7.02 2.61
N CYS B 94 -24.05 6.29 3.63
CA CYS B 94 -22.90 5.42 3.43
C CYS B 94 -23.18 4.39 2.33
N ARG B 95 -24.38 3.80 2.34
CA ARG B 95 -24.76 2.83 1.32
C ARG B 95 -24.78 3.47 -0.07
N VAL B 96 -25.33 4.68 -0.17
CA VAL B 96 -25.37 5.37 -1.46
C VAL B 96 -23.95 5.51 -2.02
N LEU B 97 -23.02 5.99 -1.18
CA LEU B 97 -21.65 6.27 -1.62
C LEU B 97 -20.86 4.98 -1.92
N LEU B 98 -20.91 4.01 -0.99
CA LEU B 98 -20.15 2.77 -1.17
C LEU B 98 -20.72 1.91 -2.29
N ASP B 99 -22.04 1.97 -2.53
CA ASP B 99 -22.63 1.25 -3.65
C ASP B 99 -22.12 1.79 -4.98
N ASN B 100 -22.06 3.13 -5.11
CA ASN B 100 -21.57 3.74 -6.34
C ASN B 100 -20.15 3.28 -6.64
N VAL B 101 -19.25 3.37 -5.66
CA VAL B 101 -17.86 3.08 -5.95
C VAL B 101 -17.62 1.57 -6.10
N GLU B 102 -18.38 0.71 -5.39
CA GLU B 102 -18.25 -0.74 -5.63
C GLU B 102 -18.63 -1.11 -7.06
N ASN B 103 -19.73 -0.53 -7.58
CA ASN B 103 -20.10 -0.79 -8.96
C ASN B 103 -19.02 -0.30 -9.93
N LYS B 104 -18.43 0.87 -9.67
CA LYS B 104 -17.35 1.37 -10.53
C LYS B 104 -16.08 0.52 -10.42
N MET B 105 -15.93 -0.25 -9.36
CA MET B 105 -14.75 -1.07 -9.17
C MET B 105 -14.90 -2.46 -9.79
N LYS B 106 -16.07 -2.79 -10.33
CA LYS B 106 -16.28 -4.08 -10.98
C LYS B 106 -15.42 -4.15 -12.24
N GLY B 107 -14.72 -5.28 -12.41
CA GLY B 107 -13.88 -5.50 -13.57
C GLY B 107 -12.50 -4.90 -13.51
N THR B 108 -12.13 -4.26 -12.40
CA THR B 108 -10.85 -3.59 -12.20
C THR B 108 -9.98 -4.40 -11.24
N CYS B 109 -8.76 -3.91 -11.00
CA CYS B 109 -7.87 -4.60 -10.07
C CYS B 109 -8.40 -4.56 -8.62
N VAL B 110 -9.25 -3.59 -8.29
CA VAL B 110 -9.76 -3.43 -6.93
C VAL B 110 -11.21 -3.89 -6.79
N GLU B 111 -11.71 -4.68 -7.73
CA GLU B 111 -13.08 -5.18 -7.60
C GLU B 111 -13.26 -5.96 -6.30
N GLY B 112 -14.38 -5.73 -5.62
CA GLY B 112 -14.70 -6.41 -4.37
C GLY B 112 -14.12 -5.79 -3.12
N THR B 113 -13.49 -4.62 -3.23
CA THR B 113 -12.89 -3.96 -2.07
C THR B 113 -13.94 -3.63 -1.00
N ILE B 114 -15.11 -3.16 -1.41
CA ILE B 114 -16.16 -2.71 -0.48
C ILE B 114 -16.64 -3.89 0.36
N PRO B 115 -17.14 -4.97 -0.27
CA PRO B 115 -17.52 -6.15 0.50
C PRO B 115 -16.43 -6.69 1.40
N LYS B 116 -15.18 -6.68 0.95
CA LYS B 116 -14.12 -7.26 1.76
C LYS B 116 -13.84 -6.43 3.00
N LEU B 117 -14.07 -5.13 2.93
CA LEU B 117 -13.79 -4.26 4.06
C LEU B 117 -14.97 -4.21 5.02
N PHE B 118 -16.20 -4.25 4.50
CA PHE B 118 -17.37 -3.77 5.24
C PHE B 118 -18.49 -4.79 5.47
N ARG B 119 -18.59 -5.85 4.69
CA ARG B 119 -19.78 -6.69 4.81
C ARG B 119 -19.49 -7.97 5.61
N GLY B 120 -20.35 -8.23 6.59
CA GLY B 120 -20.30 -9.45 7.35
C GLY B 120 -21.46 -10.36 7.03
N LYS B 121 -21.56 -11.44 7.80
CA LYS B 121 -22.57 -12.46 7.57
C LYS B 121 -23.22 -12.80 8.90
N MET B 122 -24.54 -12.85 8.89
CA MET B 122 -25.31 -13.27 10.04
C MET B 122 -26.36 -14.28 9.59
N VAL B 123 -26.85 -15.08 10.53
CA VAL B 123 -27.95 -15.99 10.29
C VAL B 123 -29.07 -15.65 11.25
N SER B 124 -30.28 -15.53 10.71
CA SER B 124 -31.50 -15.34 11.50
C SER B 124 -32.32 -16.62 11.43
N TYR B 125 -32.82 -17.06 12.57
CA TYR B 125 -33.51 -18.34 12.66
C TYR B 125 -34.86 -18.18 13.37
N ILE B 126 -35.75 -19.13 13.07
CA ILE B 126 -37.00 -19.32 13.80
C ILE B 126 -37.11 -20.81 14.08
N GLN B 127 -37.29 -21.16 15.36
CA GLN B 127 -37.29 -22.56 15.78
C GLN B 127 -38.57 -22.86 16.54
N CYS B 128 -39.31 -23.86 16.07
CA CYS B 128 -40.60 -24.22 16.67
C CYS B 128 -40.36 -25.14 17.86
N LYS B 129 -41.02 -24.84 18.98
CA LYS B 129 -40.78 -25.61 20.20
C LYS B 129 -41.43 -26.98 20.13
N GLU B 130 -42.66 -27.06 19.65
CA GLU B 130 -43.47 -28.26 19.79
C GLU B 130 -43.46 -29.16 18.55
N VAL B 131 -43.01 -28.67 17.40
CA VAL B 131 -42.95 -29.48 16.20
C VAL B 131 -41.53 -29.41 15.63
N ASP B 132 -41.26 -30.27 14.65
CA ASP B 132 -39.96 -30.31 14.00
C ASP B 132 -40.00 -29.38 12.78
N TYR B 133 -39.86 -28.09 13.04
CA TYR B 133 -39.78 -27.12 11.95
C TYR B 133 -38.85 -25.98 12.36
N ARG B 134 -37.93 -25.63 11.45
CA ARG B 134 -36.99 -24.55 11.64
C ARG B 134 -36.80 -23.83 10.31
N SER B 135 -36.59 -22.51 10.36
CA SER B 135 -36.32 -21.69 9.20
C SER B 135 -35.02 -20.94 9.44
N ASP B 136 -34.12 -20.99 8.47
CA ASP B 136 -32.85 -20.28 8.53
C ASP B 136 -32.72 -19.38 7.32
N ARG B 137 -32.22 -18.18 7.52
CA ARG B 137 -31.88 -17.33 6.38
C ARG B 137 -30.58 -16.60 6.72
N ARG B 138 -29.55 -16.92 5.96
CA ARG B 138 -28.32 -16.16 6.03
C ARG B 138 -28.55 -14.78 5.43
N GLU B 139 -27.91 -13.79 6.03
CA GLU B 139 -28.06 -12.42 5.56
C GLU B 139 -26.73 -11.70 5.64
N ASP B 140 -26.39 -10.98 4.57
CA ASP B 140 -25.25 -10.06 4.58
C ASP B 140 -25.65 -8.72 5.21
N TYR B 141 -24.69 -8.09 5.90
CA TYR B 141 -24.89 -6.76 6.46
C TYR B 141 -23.63 -5.92 6.24
N TYR B 142 -23.82 -4.60 6.10
CA TYR B 142 -22.73 -3.65 6.02
C TYR B 142 -22.67 -2.72 7.22
N ASP B 143 -23.65 -2.78 8.12
CA ASP B 143 -23.70 -1.98 9.32
C ASP B 143 -24.57 -2.71 10.33
N ILE B 144 -24.53 -2.26 11.57
CA ILE B 144 -25.33 -2.84 12.64
C ILE B 144 -25.98 -1.68 13.39
N GLN B 145 -27.28 -1.78 13.62
CA GLN B 145 -28.02 -0.81 14.41
C GLN B 145 -28.20 -1.41 15.79
N LEU B 146 -27.53 -0.85 16.79
CA LEU B 146 -27.58 -1.35 18.16
C LEU B 146 -28.60 -0.54 18.95
N SER B 147 -29.46 -1.24 19.69
CA SER B 147 -30.35 -0.63 20.65
C SER B 147 -29.56 -0.13 21.85
N ILE B 148 -29.85 1.09 22.29
CA ILE B 148 -29.19 1.64 23.47
C ILE B 148 -30.15 1.85 24.64
N LYS B 149 -31.43 2.10 24.39
CA LYS B 149 -32.32 2.50 25.48
C LYS B 149 -32.50 1.34 26.46
N GLY B 150 -32.20 1.59 27.72
CA GLY B 150 -32.21 0.54 28.73
C GLY B 150 -30.91 -0.23 28.85
N LYS B 151 -29.92 0.03 27.98
CA LYS B 151 -28.65 -0.67 27.98
C LYS B 151 -27.57 0.26 28.52
N LYS B 152 -26.61 -0.32 29.23
CA LYS B 152 -25.54 0.51 29.78
C LYS B 152 -24.35 0.65 28.83
N ASN B 153 -24.06 -0.37 28.01
CA ASN B 153 -22.84 -0.30 27.20
C ASN B 153 -23.00 -1.16 25.94
N ILE B 154 -21.95 -1.15 25.11
CA ILE B 154 -22.00 -1.88 23.85
C ILE B 154 -22.22 -3.38 24.12
N PHE B 155 -21.59 -3.92 25.15
CA PHE B 155 -21.71 -5.36 25.40
C PHE B 155 -23.16 -5.76 25.67
N GLU B 156 -23.89 -4.95 26.45
CA GLU B 156 -25.29 -5.22 26.72
C GLU B 156 -26.14 -5.05 25.46
N SER B 157 -25.77 -4.08 24.61
CA SER B 157 -26.46 -3.94 23.32
C SER B 157 -26.31 -5.18 22.46
N PHE B 158 -25.10 -5.76 22.43
CA PHE B 158 -24.87 -6.95 21.64
C PHE B 158 -25.57 -8.16 22.25
N VAL B 159 -25.58 -8.24 23.59
CA VAL B 159 -26.35 -9.30 24.26
C VAL B 159 -27.82 -9.22 23.84
N ASP B 160 -28.38 -8.00 23.89
CA ASP B 160 -29.75 -7.81 23.45
C ASP B 160 -29.93 -8.23 22.00
N TYR B 161 -28.95 -7.92 21.14
CA TYR B 161 -29.09 -8.13 19.71
C TYR B 161 -29.23 -9.62 19.36
N VAL B 162 -28.53 -10.48 20.10
CA VAL B 162 -28.53 -11.92 19.81
C VAL B 162 -29.46 -12.69 20.76
N ALA B 163 -30.23 -12.01 21.59
CA ALA B 163 -31.08 -12.69 22.56
C ALA B 163 -32.22 -13.39 21.84
N VAL B 164 -32.63 -14.54 22.39
CA VAL B 164 -33.73 -15.33 21.86
C VAL B 164 -35.06 -14.68 22.26
N GLU B 165 -35.94 -14.49 21.29
CA GLU B 165 -37.23 -13.85 21.51
C GLU B 165 -38.37 -14.85 21.39
N GLN B 166 -39.31 -14.81 22.32
CA GLN B 166 -40.41 -15.77 22.35
C GLN B 166 -41.56 -15.29 21.46
N LEU B 167 -42.09 -16.21 20.65
CA LEU B 167 -43.29 -15.98 19.84
C LEU B 167 -44.34 -16.99 20.32
N ASP B 168 -45.12 -16.58 21.32
CA ASP B 168 -46.21 -17.39 21.87
C ASP B 168 -47.38 -16.47 22.20
N GLY B 169 -48.43 -17.05 22.77
CA GLY B 169 -49.67 -16.29 22.96
C GLY B 169 -50.25 -15.91 21.63
N ASP B 170 -50.49 -14.59 21.45
CA ASP B 170 -50.96 -14.05 20.17
C ASP B 170 -49.82 -13.91 19.18
N ASN B 171 -48.58 -13.87 19.68
CA ASN B 171 -47.39 -13.73 18.86
C ASN B 171 -47.10 -14.92 17.96
N LYS B 172 -47.90 -15.97 18.09
CA LYS B 172 -47.48 -17.29 17.61
C LYS B 172 -47.04 -17.24 16.15
N TYR B 173 -46.00 -18.01 15.85
CA TYR B 173 -45.40 -18.03 14.51
C TYR B 173 -46.29 -18.82 13.56
N ASP B 174 -46.57 -18.27 12.38
CA ASP B 174 -47.25 -19.04 11.34
C ASP B 174 -46.25 -20.02 10.73
N ALA B 175 -46.40 -21.30 11.08
CA ALA B 175 -45.49 -22.34 10.63
C ALA B 175 -46.00 -23.07 9.39
N GLY B 176 -46.91 -22.45 8.63
CA GLY B 176 -47.36 -23.06 7.40
C GLY B 176 -48.20 -24.29 7.61
N GLU B 177 -47.72 -25.45 7.14
CA GLU B 177 -48.52 -26.66 7.26
C GLU B 177 -48.66 -27.13 8.70
N HIS B 178 -47.85 -26.59 9.61
CA HIS B 178 -47.91 -26.93 11.02
C HIS B 178 -48.83 -26.00 11.79
N GLY B 179 -49.48 -25.05 11.14
CA GLY B 179 -50.32 -24.08 11.81
C GLY B 179 -49.54 -23.10 12.67
N LEU B 180 -50.29 -22.38 13.51
CA LEU B 180 -49.69 -21.46 14.46
C LEU B 180 -48.95 -22.21 15.55
N GLN B 181 -47.72 -21.81 15.84
CA GLN B 181 -46.87 -22.54 16.76
C GLN B 181 -46.20 -21.56 17.71
N GLU B 182 -45.80 -22.07 18.88
CA GLU B 182 -44.87 -21.33 19.73
C GLU B 182 -43.45 -21.56 19.23
N ALA B 183 -42.65 -20.50 19.24
CA ALA B 183 -41.30 -20.58 18.70
C ALA B 183 -40.44 -19.51 19.34
N GLU B 184 -39.13 -19.64 19.13
CA GLU B 184 -38.16 -18.64 19.54
C GLU B 184 -37.34 -18.21 18.32
N LYS B 185 -37.22 -16.89 18.13
CA LYS B 185 -36.58 -16.27 17.00
C LYS B 185 -35.32 -15.54 17.48
N GLY B 186 -34.22 -15.68 16.72
CA GLY B 186 -32.96 -15.08 17.10
C GLY B 186 -32.08 -14.78 15.89
N VAL B 187 -30.94 -14.14 16.15
CA VAL B 187 -29.93 -13.88 15.13
C VAL B 187 -28.56 -14.23 15.71
N LYS B 188 -27.68 -14.74 14.86
CA LYS B 188 -26.30 -14.99 15.24
C LYS B 188 -25.35 -14.44 14.20
N PHE B 189 -24.18 -14.01 14.65
CA PHE B 189 -23.14 -13.51 13.75
C PHE B 189 -22.30 -14.68 13.27
N LEU B 190 -22.20 -14.83 11.95
CA LEU B 190 -21.29 -15.82 11.36
C LEU B 190 -19.90 -15.23 11.18
N THR B 191 -19.81 -14.00 10.67
CA THR B 191 -18.56 -13.28 10.58
C THR B 191 -18.79 -11.82 10.94
N LEU B 192 -17.68 -11.15 11.29
CA LEU B 192 -17.60 -9.72 11.50
C LEU B 192 -16.55 -9.13 10.57
N PRO B 193 -16.80 -7.99 9.94
CA PRO B 193 -15.90 -7.50 8.87
C PRO B 193 -14.68 -6.78 9.45
N PRO B 194 -13.66 -6.55 8.62
CA PRO B 194 -12.49 -5.80 9.11
C PRO B 194 -12.85 -4.42 9.62
N VAL B 195 -13.79 -3.74 8.97
CA VAL B 195 -14.25 -2.41 9.36
C VAL B 195 -15.70 -2.56 9.78
N LEU B 196 -16.00 -2.24 11.04
CA LEU B 196 -17.30 -2.47 11.65
C LEU B 196 -18.01 -1.14 11.85
N HIS B 197 -19.12 -0.93 11.14
CA HIS B 197 -19.93 0.28 11.26
C HIS B 197 -21.09 0.01 12.22
N LEU B 198 -21.07 0.64 13.41
CA LEU B 198 -22.14 0.48 14.39
C LEU B 198 -22.86 1.81 14.53
N GLN B 199 -24.15 1.84 14.20
CA GLN B 199 -25.00 2.97 14.52
C GLN B 199 -25.77 2.70 15.80
N LEU B 200 -25.86 3.71 16.64
CA LEU B 200 -26.64 3.63 17.86
C LEU B 200 -28.03 4.21 17.61
N MET B 201 -29.06 3.52 18.11
CA MET B 201 -30.43 4.01 17.99
C MET B 201 -30.65 5.17 18.97
N ARG B 202 -30.27 6.37 18.52
CA ARG B 202 -30.36 7.58 19.33
C ARG B 202 -31.60 8.41 19.05
N PHE B 203 -32.49 7.99 18.15
CA PHE B 203 -33.85 8.54 18.09
C PHE B 203 -34.83 7.38 18.23
N MET B 204 -35.93 7.62 18.91
CA MET B 204 -36.96 6.62 19.05
C MET B 204 -38.30 7.26 18.72
N TYR B 205 -39.17 6.50 18.07
CA TYR B 205 -40.50 7.01 17.77
C TYR B 205 -41.31 7.09 19.05
N ASP B 206 -41.77 8.30 19.38
CA ASP B 206 -42.61 8.48 20.54
C ASP B 206 -44.03 8.74 20.08
N PRO B 207 -44.97 7.85 20.38
CA PRO B 207 -46.37 8.12 20.00
C PRO B 207 -46.92 9.40 20.60
N GLN B 208 -46.42 9.81 21.78
CA GLN B 208 -46.99 10.96 22.50
C GLN B 208 -47.03 12.21 21.61
N THR B 209 -45.96 12.49 20.87
CA THR B 209 -45.87 13.61 19.94
C THR B 209 -46.20 13.21 18.50
N ASP B 210 -46.44 11.93 18.25
CA ASP B 210 -46.42 11.34 16.90
C ASP B 210 -45.22 11.82 16.09
N GLN B 211 -44.05 11.79 16.71
CA GLN B 211 -42.81 12.00 15.98
C GLN B 211 -41.66 11.40 16.77
N ASN B 212 -40.50 11.34 16.14
CA ASN B 212 -39.32 10.80 16.79
C ASN B 212 -38.73 11.83 17.74
N ILE B 213 -38.13 11.33 18.82
CA ILE B 213 -37.37 12.16 19.75
C ILE B 213 -36.00 11.55 19.92
N LYS B 214 -35.05 12.37 20.37
CA LYS B 214 -33.69 11.90 20.61
C LYS B 214 -33.58 11.24 21.98
N ILE B 215 -32.85 10.13 22.04
CA ILE B 215 -32.45 9.55 23.32
C ILE B 215 -31.07 10.08 23.68
N ASN B 216 -31.00 10.80 24.79
CA ASN B 216 -29.77 11.38 25.29
C ASN B 216 -29.14 10.59 26.41
N ASP B 217 -29.65 9.39 26.70
CA ASP B 217 -29.20 8.60 27.83
C ASP B 217 -27.72 8.22 27.69
N ARG B 218 -27.08 7.98 28.83
CA ARG B 218 -25.70 7.53 28.86
C ARG B 218 -25.59 6.13 28.28
N PHE B 219 -24.55 5.93 27.47
CA PHE B 219 -24.31 4.65 26.82
C PHE B 219 -22.83 4.54 26.49
N GLU B 220 -22.14 3.58 27.11
CA GLU B 220 -20.69 3.53 27.03
C GLU B 220 -20.22 2.56 25.95
N PHE B 221 -19.07 2.89 25.37
CA PHE B 221 -18.43 2.03 24.40
C PHE B 221 -16.94 2.02 24.69
N PRO B 222 -16.28 0.90 24.46
CA PRO B 222 -14.88 0.77 24.84
C PRO B 222 -13.93 1.18 23.71
N GLU B 223 -12.69 1.49 24.11
CA GLU B 223 -11.62 1.63 23.14
C GLU B 223 -11.29 0.28 22.47
N GLN B 224 -11.32 -0.80 23.24
CA GLN B 224 -11.07 -2.14 22.73
C GLN B 224 -12.32 -3.00 22.94
N LEU B 225 -12.76 -3.66 21.88
CA LEU B 225 -14.06 -4.34 21.84
C LEU B 225 -13.87 -5.82 21.50
N PRO B 226 -13.96 -6.73 22.47
CA PRO B 226 -13.90 -8.16 22.16
C PRO B 226 -15.29 -8.68 21.81
N LEU B 227 -15.39 -9.32 20.65
CA LEU B 227 -16.65 -9.78 20.12
C LEU B 227 -16.71 -11.27 19.90
N ASP B 228 -15.68 -12.02 20.32
CA ASP B 228 -15.62 -13.44 20.01
C ASP B 228 -16.88 -14.16 20.50
N GLU B 229 -17.43 -13.71 21.63
CA GLU B 229 -18.54 -14.43 22.25
C GLU B 229 -19.88 -14.20 21.54
N PHE B 230 -19.91 -13.38 20.49
CA PHE B 230 -21.13 -13.17 19.71
C PHE B 230 -21.07 -13.87 18.38
N LEU B 231 -19.94 -14.45 18.04
CA LEU B 231 -19.88 -15.33 16.88
C LEU B 231 -20.57 -16.64 17.21
N GLN B 232 -21.04 -17.33 16.17
CA GLN B 232 -21.50 -18.69 16.36
C GLN B 232 -20.32 -19.63 16.61
N LYS B 233 -19.20 -19.42 15.92
CA LYS B 233 -18.01 -20.26 16.09
C LYS B 233 -16.78 -19.36 16.01
N THR B 234 -16.01 -19.32 17.10
CA THR B 234 -14.82 -18.50 17.12
C THR B 234 -13.68 -19.14 16.34
N ASP B 235 -12.70 -18.31 16.00
CA ASP B 235 -11.48 -18.76 15.32
C ASP B 235 -10.31 -18.54 16.27
N PRO B 236 -9.69 -19.61 16.77
CA PRO B 236 -8.50 -19.42 17.62
C PRO B 236 -7.37 -18.70 16.93
N LYS B 237 -7.32 -18.74 15.60
CA LYS B 237 -6.25 -18.11 14.84
C LYS B 237 -6.45 -16.61 14.62
N ASP B 238 -7.64 -16.05 14.96
CA ASP B 238 -7.88 -14.61 14.77
C ASP B 238 -9.08 -14.21 15.63
N PRO B 239 -8.88 -13.86 16.90
CA PRO B 239 -10.01 -13.45 17.74
C PRO B 239 -10.64 -12.17 17.22
N ALA B 240 -11.96 -12.04 17.43
CA ALA B 240 -12.71 -10.87 16.97
C ALA B 240 -12.50 -9.73 17.98
N ASN B 241 -11.28 -9.21 17.97
CA ASN B 241 -10.90 -8.07 18.80
C ASN B 241 -10.92 -6.82 17.94
N TYR B 242 -11.65 -5.79 18.40
CA TYR B 242 -11.89 -4.60 17.61
C TYR B 242 -11.32 -3.37 18.30
N ILE B 243 -10.88 -2.40 17.50
CA ILE B 243 -10.18 -1.22 18.00
C ILE B 243 -10.95 -0.01 17.49
N LEU B 244 -11.32 0.89 18.40
CA LEU B 244 -12.11 2.07 18.07
C LEU B 244 -11.33 3.02 17.14
N HIS B 245 -11.92 3.31 15.97
CA HIS B 245 -11.36 4.22 14.97
C HIS B 245 -12.03 5.60 14.93
N ALA B 246 -13.35 5.67 15.03
CA ALA B 246 -14.08 6.92 14.82
C ALA B 246 -15.31 6.96 15.70
N VAL B 247 -15.62 8.15 16.23
CA VAL B 247 -16.82 8.39 17.02
C VAL B 247 -17.56 9.55 16.33
N LEU B 248 -18.74 9.27 15.76
CA LEU B 248 -19.54 10.30 15.11
C LEU B 248 -20.54 10.85 16.12
N VAL B 249 -20.54 12.17 16.31
CA VAL B 249 -21.16 12.77 17.48
C VAL B 249 -22.19 13.79 17.01
N HIS B 250 -23.28 13.89 17.79
CA HIS B 250 -24.34 14.85 17.56
C HIS B 250 -24.67 15.54 18.87
N SER B 251 -24.68 16.87 18.85
CA SER B 251 -24.98 17.72 20.00
C SER B 251 -26.30 18.45 19.75
N GLY B 252 -27.24 18.30 20.65
CA GLY B 252 -28.55 18.92 20.49
C GLY B 252 -29.66 17.91 20.45
N ASP B 253 -30.86 18.31 20.00
CA ASP B 253 -32.00 17.42 19.97
C ASP B 253 -32.57 17.28 18.58
N ASN B 254 -31.95 17.87 17.57
CA ASN B 254 -32.60 17.96 16.28
C ASN B 254 -31.57 18.13 15.17
N HIS B 255 -32.07 18.08 13.94
CA HIS B 255 -31.23 18.20 12.75
C HIS B 255 -30.54 19.56 12.69
N GLY B 256 -30.98 20.52 13.49
CA GLY B 256 -30.27 21.77 13.67
C GLY B 256 -29.13 21.73 14.66
N GLY B 257 -28.86 20.57 15.26
CA GLY B 257 -27.76 20.44 16.19
C GLY B 257 -26.40 20.44 15.48
N HIS B 258 -25.38 20.14 16.27
CA HIS B 258 -23.98 20.26 15.86
C HIS B 258 -23.41 18.87 15.65
N TYR B 259 -22.98 18.58 14.42
CA TYR B 259 -22.43 17.28 14.06
C TYR B 259 -20.91 17.38 13.93
N VAL B 260 -20.19 16.51 14.65
CA VAL B 260 -18.73 16.43 14.59
C VAL B 260 -18.30 14.96 14.58
N VAL B 261 -17.04 14.71 14.18
CA VAL B 261 -16.49 13.35 14.24
C VAL B 261 -15.13 13.38 14.91
N TYR B 262 -14.91 12.43 15.82
CA TYR B 262 -13.60 12.17 16.43
C TYR B 262 -12.99 10.96 15.75
N LEU B 263 -11.72 11.06 15.37
CA LEU B 263 -11.01 9.93 14.78
C LEU B 263 -9.62 9.86 15.40
N ASN B 264 -9.05 8.66 15.43
CA ASN B 264 -7.59 8.51 15.56
C ASN B 264 -7.13 7.80 14.30
N PRO B 265 -6.83 8.57 13.25
CA PRO B 265 -6.76 8.00 11.88
C PRO B 265 -5.71 6.93 11.72
N LYS B 266 -4.61 7.00 12.45
CA LYS B 266 -3.61 5.95 12.36
C LYS B 266 -3.87 4.80 13.32
N GLY B 267 -4.94 4.83 14.10
CA GLY B 267 -5.20 3.72 15.00
C GLY B 267 -4.25 3.63 16.16
N ASP B 268 -3.48 4.68 16.43
CA ASP B 268 -2.53 4.73 17.53
C ASP B 268 -3.09 5.39 18.78
N GLY B 269 -4.40 5.66 18.83
CA GLY B 269 -4.91 6.36 19.99
C GLY B 269 -4.53 7.83 20.10
N LYS B 270 -4.05 8.44 19.02
CA LYS B 270 -3.84 9.89 19.01
C LYS B 270 -5.00 10.54 18.26
N TRP B 271 -5.89 11.20 19.00
CA TRP B 271 -7.18 11.58 18.46
C TRP B 271 -7.21 13.03 17.99
N CYS B 272 -8.07 13.29 17.01
CA CYS B 272 -8.38 14.63 16.57
C CYS B 272 -9.89 14.79 16.49
N LYS B 273 -10.34 16.03 16.65
CA LYS B 273 -11.72 16.42 16.46
C LYS B 273 -11.86 17.12 15.11
N PHE B 274 -12.80 16.66 14.29
CA PHE B 274 -13.10 17.24 12.98
C PHE B 274 -14.45 17.93 13.06
N ASP B 275 -14.44 19.25 13.00
CA ASP B 275 -15.65 20.08 13.16
C ASP B 275 -15.68 20.97 11.92
N ASP B 276 -16.22 20.42 10.82
CA ASP B 276 -16.14 21.03 9.49
C ASP B 276 -14.73 21.48 9.16
N ASP B 277 -14.50 22.80 9.04
CA ASP B 277 -13.21 23.33 8.61
C ASP B 277 -12.16 23.35 9.72
N VAL B 278 -12.54 23.08 10.98
CA VAL B 278 -11.63 23.20 12.13
C VAL B 278 -11.30 21.79 12.61
N VAL B 279 -10.02 21.43 12.52
CA VAL B 279 -9.50 20.16 12.99
C VAL B 279 -8.49 20.43 14.08
N SER B 280 -8.61 19.75 15.21
CA SER B 280 -7.72 20.03 16.32
C SER B 280 -7.43 18.73 17.07
N ARG B 281 -6.24 18.66 17.66
CA ARG B 281 -5.94 17.51 18.50
C ARG B 281 -6.75 17.61 19.78
N CYS B 282 -7.16 16.44 20.29
CA CYS B 282 -7.99 16.35 21.48
C CYS B 282 -7.55 15.17 22.31
N THR B 283 -7.97 15.16 23.57
CA THR B 283 -7.70 14.04 24.46
C THR B 283 -8.56 12.82 24.09
N LYS B 284 -8.08 11.65 24.48
CA LYS B 284 -8.85 10.42 24.35
C LYS B 284 -10.20 10.54 25.07
N GLU B 285 -10.20 11.22 26.22
CA GLU B 285 -11.44 11.42 26.96
C GLU B 285 -12.45 12.24 26.17
N GLU B 286 -12.00 13.30 25.50
CA GLU B 286 -12.92 14.08 24.68
C GLU B 286 -13.53 13.23 23.56
N ALA B 287 -12.76 12.25 23.04
CA ALA B 287 -13.28 11.42 21.94
C ALA B 287 -14.19 10.30 22.46
N ILE B 288 -13.88 9.73 23.62
CA ILE B 288 -14.61 8.54 24.03
C ILE B 288 -15.58 8.88 25.16
N GLU B 289 -15.05 9.12 26.37
CA GLU B 289 -15.92 9.15 27.55
C GLU B 289 -16.87 10.35 27.52
N HIS B 290 -16.44 11.50 27.00
CA HIS B 290 -17.26 12.71 26.95
C HIS B 290 -18.42 12.59 25.98
N ASN B 291 -18.46 11.55 25.16
CA ASN B 291 -19.52 11.30 24.21
C ASN B 291 -20.38 10.12 24.62
N TYR B 292 -20.25 9.67 25.88
CA TYR B 292 -21.12 8.62 26.39
C TYR B 292 -22.55 9.10 26.54
N GLY B 293 -22.75 10.39 26.77
CA GLY B 293 -24.05 10.97 26.98
C GLY B 293 -24.35 11.18 28.45
N GLY B 294 -25.16 12.19 28.74
CA GLY B 294 -25.39 12.58 30.12
C GLY B 294 -26.28 11.59 30.84
N HIS B 295 -25.98 11.36 32.12
CA HIS B 295 -26.78 10.46 32.95
C HIS B 295 -27.78 11.28 33.75
N ASP B 296 -28.87 10.62 34.15
CA ASP B 296 -30.07 11.21 34.74
C ASP B 296 -29.83 12.40 35.65
N ASP B 297 -28.85 12.30 36.55
CA ASP B 297 -28.59 13.32 37.56
C ASP B 297 -28.49 14.72 36.97
N ASP B 298 -27.54 14.93 36.04
CA ASP B 298 -27.28 16.27 35.52
C ASP B 298 -28.57 16.94 35.10
N LEU B 299 -28.92 18.02 35.82
CA LEU B 299 -30.20 18.70 35.63
C LEU B 299 -30.17 20.09 36.26
N HIS B 303 -27.71 17.41 29.05
CA HIS B 303 -26.51 17.08 28.29
C HIS B 303 -26.84 16.29 27.02
N CYS B 304 -26.85 16.97 25.87
CA CYS B 304 -27.33 16.35 24.65
C CYS B 304 -26.22 16.04 23.65
N THR B 305 -24.97 15.91 24.12
CA THR B 305 -23.81 15.60 23.26
C THR B 305 -23.49 14.12 23.39
N ASN B 306 -23.52 13.40 22.28
CA ASN B 306 -23.27 11.96 22.41
C ASN B 306 -23.06 11.33 21.04
N ALA B 307 -22.45 10.17 21.08
CA ALA B 307 -22.17 9.39 19.87
C ALA B 307 -23.46 8.79 19.32
N TYR B 308 -23.57 8.78 17.98
CA TYR B 308 -24.59 8.00 17.30
C TYR B 308 -24.01 6.94 16.36
N MET B 309 -22.71 6.98 16.09
CA MET B 309 -22.09 6.01 15.20
C MET B 309 -20.61 5.79 15.60
N LEU B 310 -20.21 4.53 15.70
CA LEU B 310 -18.84 4.16 16.00
C LEU B 310 -18.30 3.31 14.86
N VAL B 311 -17.01 3.49 14.56
CA VAL B 311 -16.30 2.65 13.62
C VAL B 311 -15.19 1.95 14.39
N TYR B 312 -15.18 0.63 14.32
CA TYR B 312 -14.13 -0.21 14.88
C TYR B 312 -13.40 -0.93 13.75
N ILE B 313 -12.12 -1.21 13.96
CA ILE B 313 -11.34 -1.95 12.97
C ILE B 313 -10.81 -3.20 13.66
N ARG B 314 -10.94 -4.35 12.99
CA ARG B 314 -10.42 -5.59 13.53
C ARG B 314 -8.92 -5.49 13.79
N GLU B 315 -8.51 -5.82 15.02
CA GLU B 315 -7.10 -5.84 15.38
C GLU B 315 -6.26 -6.47 14.29
N SER B 316 -6.65 -7.66 13.86
CA SER B 316 -5.85 -8.44 12.93
C SER B 316 -5.69 -7.75 11.58
N LYS B 317 -6.53 -6.76 11.29
CA LYS B 317 -6.48 -6.10 9.99
C LYS B 317 -6.07 -4.64 10.08
N LEU B 318 -5.74 -4.14 11.26
CA LEU B 318 -5.55 -2.70 11.43
C LEU B 318 -4.47 -2.17 10.49
N SER B 319 -3.34 -2.89 10.40
CA SER B 319 -2.22 -2.41 9.63
C SER B 319 -2.50 -2.45 8.13
N GLU B 320 -3.35 -3.38 7.69
CA GLU B 320 -3.79 -3.41 6.31
C GLU B 320 -4.82 -2.30 6.03
N VAL B 321 -5.81 -2.15 6.92
CA VAL B 321 -6.86 -1.16 6.68
C VAL B 321 -6.27 0.24 6.72
N LEU B 322 -5.38 0.51 7.68
CA LEU B 322 -4.82 1.84 7.90
C LEU B 322 -3.43 2.01 7.26
N GLN B 323 -3.11 1.22 6.24
CA GLN B 323 -1.81 1.32 5.58
C GLN B 323 -1.62 2.71 4.98
N ALA B 324 -0.41 3.24 5.13
CA ALA B 324 -0.13 4.61 4.71
C ALA B 324 -0.47 4.80 3.24
N VAL B 325 -0.92 6.01 2.92
CA VAL B 325 -1.19 6.43 1.56
C VAL B 325 -0.17 7.50 1.21
N THR B 326 0.53 7.30 0.09
CA THR B 326 1.38 8.32 -0.50
C THR B 326 0.75 8.78 -1.80
N ASP B 327 1.13 9.98 -2.24
CA ASP B 327 0.51 10.52 -3.44
C ASP B 327 0.90 9.76 -4.70
N HIS B 328 1.80 8.80 -4.61
CA HIS B 328 2.00 7.87 -5.71
C HIS B 328 0.98 6.73 -5.73
N ASP B 329 0.08 6.68 -4.74
CA ASP B 329 -1.13 5.85 -4.82
C ASP B 329 -2.25 6.52 -5.62
N ILE B 330 -2.08 7.77 -6.03
CA ILE B 330 -3.03 8.45 -6.91
C ILE B 330 -2.47 8.39 -8.34
N PRO B 331 -3.17 7.76 -9.28
CA PRO B 331 -2.63 7.67 -10.66
C PRO B 331 -2.39 9.03 -11.25
N GLN B 332 -1.30 9.14 -11.99
CA GLN B 332 -0.96 10.41 -12.63
C GLN B 332 -2.14 10.97 -13.44
N GLN B 333 -2.80 10.10 -14.23
CA GLN B 333 -3.99 10.50 -14.98
C GLN B 333 -4.97 11.28 -14.10
N LEU B 334 -5.42 10.67 -13.00
CA LEU B 334 -6.35 11.36 -12.11
C LEU B 334 -5.74 12.64 -11.56
N VAL B 335 -4.47 12.61 -11.16
CA VAL B 335 -3.82 13.82 -10.66
C VAL B 335 -3.92 14.94 -11.70
N GLU B 336 -3.56 14.66 -12.95
CA GLU B 336 -3.65 15.67 -14.00
C GLU B 336 -5.08 16.15 -14.21
N ARG B 337 -6.03 15.20 -14.24
CA ARG B 337 -7.44 15.54 -14.38
C ARG B 337 -7.88 16.55 -13.32
N LEU B 338 -7.62 16.24 -12.05
CA LEU B 338 -8.05 17.13 -10.97
C LEU B 338 -7.27 18.43 -10.98
N GLN B 339 -5.97 18.38 -11.31
CA GLN B 339 -5.18 19.61 -11.35
C GLN B 339 -5.64 20.54 -12.48
N GLU B 340 -6.03 19.97 -13.63
CA GLU B 340 -6.64 20.76 -14.69
C GLU B 340 -7.89 21.50 -14.18
N GLU B 341 -8.74 20.81 -13.43
CA GLU B 341 -9.94 21.43 -12.85
C GLU B 341 -9.59 22.66 -12.02
N LYS B 342 -8.56 22.53 -11.17
CA LYS B 342 -8.15 23.64 -10.32
C LYS B 342 -7.73 24.84 -11.17
N ARG B 343 -7.00 24.58 -12.26
CA ARG B 343 -6.59 25.67 -13.15
C ARG B 343 -7.80 26.35 -13.78
N ILE B 344 -8.77 25.56 -14.23
CA ILE B 344 -9.96 26.14 -14.84
C ILE B 344 -10.69 27.01 -13.82
N GLU B 345 -10.81 26.52 -12.59
CA GLU B 345 -11.54 27.24 -11.55
C GLU B 345 -10.83 28.53 -11.17
N ALA B 346 -9.53 28.46 -10.91
CA ALA B 346 -8.80 29.62 -10.40
C ALA B 346 -8.69 30.77 -11.40
N GLN B 347 -9.02 30.54 -12.67
CA GLN B 347 -9.03 31.62 -13.65
C GLN B 347 -10.46 32.02 -14.00
C13 DYO C . 31.65 -12.60 -12.23
C15 DYO C . 34.21 -12.71 -12.77
C17 DYO C . 32.52 -14.26 -14.10
C22 DYO C . 31.48 -3.84 -15.32
C24 DYO C . 30.94 -2.81 -16.29
C26 DYO C . 30.85 -0.33 -17.12
C28 DYO C . 29.38 -2.20 -18.31
C01 DYO C . 30.66 -4.70 -14.61
C02 DYO C . 31.45 -5.46 -13.82
C03 DYO C . 30.83 -6.51 -12.93
C07 DYO C . 28.57 -5.86 -13.77
C08 DYO C . 28.76 -7.70 -12.12
C09 DYO C . 28.48 -8.85 -13.11
C12 DYO C . 30.44 -12.01 -11.51
C14 DYO C . 33.06 -12.11 -11.99
C16 DYO C . 33.92 -13.77 -13.82
C18 DYO C . 31.36 -13.65 -13.31
C23 DYO C . 33.96 -3.42 -15.42
C25 DYO C . 31.39 -1.37 -16.16
C27 DYO C . 29.84 -0.75 -18.19
C29 DYO C . 29.94 -3.24 -17.35
C30 DYO C . 29.30 0.32 -19.12
C32 DYO C . 29.71 -9.32 -13.73
C33 DYO C . 30.55 -10.25 -12.82
C34 DYO C . 27.71 -9.94 -12.48
C35 DYO C . 28.58 -10.84 -11.59
C36 DYO C . 35.09 -14.35 -14.60
C38 DYO C . 36.35 -15.71 -15.72
N04 DYO C . 29.17 -4.85 -14.61
N05 DYO C . 29.39 -6.67 -12.92
N10 DYO C . 29.77 -11.35 -12.28
N20 DYO C . 32.74 -5.11 -14.01
N21 DYO C . 32.75 -4.08 -14.96
N31 DYO C . 28.24 1.00 -18.38
N37 DYO C . 35.14 -15.58 -15.14
N40 DYO C . 36.23 -13.72 -14.84
O06 DYO C . 31.53 -7.18 -12.25
O11 DYO C . 27.63 -8.29 -14.20
O39 DYO C . 37.01 -14.57 -15.54
CL1 DYO C . 33.40 -10.88 -10.76
H1 DYO C . 35.09 -12.44 -12.61
H2 DYO C . 32.36 -14.91 -14.73
H3 DYO C . 31.11 0.56 -17.06
H4 DYO C . 28.76 -2.44 -18.96
H5 DYO C . 27.65 -5.98 -13.77
H6 DYO C . 29.34 -8.00 -11.41
H7 DYO C . 27.93 -7.37 -11.74
H8 DYO C . 29.90 -12.73 -11.14
H9 DYO C . 30.75 -11.43 -10.79
H10 DYO C . 30.50 -13.93 -13.47
H11 DYO C . 34.56 -3.30 -14.69
H12 DYO C . 33.71 -2.55 -15.79
H13 DYO C . 34.37 -3.96 -16.12
H14 DYO C . 31.99 -1.12 -15.50
H15 DYO C . 29.67 -4.13 -17.42
H16 DYO C . 29.99 0.94 -19.36
H17 DYO C . 28.93 -0.09 -19.92
H18 DYO C . 29.49 -9.82 -14.53
H19 DYO C . 30.26 -8.56 -13.95
H20 DYO C . 30.90 -9.73 -12.09
H21 DYO C . 31.28 -10.61 -13.35
H22 DYO C . 27.01 -9.55 -11.93
H23 DYO C . 28.06 -11.58 -11.29
H24 DYO C . 36.66 -16.47 -16.15
H25 DYO C . 28.61 1.53 -17.78
H26 DYO C . 27.74 0.39 -17.96
H28 DYO C . 27.10 -8.89 -14.50
H29 DYO C . 27.31 -10.48 -13.17
H30 DYO C . 28.88 -10.33 -10.83
C13 DYO D . -30.06 13.09 15.15
C15 DYO D . -32.24 13.14 16.67
C17 DYO D . -32.08 14.66 14.51
C22 DYO D . -32.09 3.98 14.01
C24 DYO D . -32.42 2.84 13.06
C26 DYO D . -32.87 2.03 10.60
C28 DYO D . -32.93 0.31 12.62
C01 DYO D . -31.05 4.87 13.75
C02 DYO D . -31.02 5.76 14.76
C03 DYO D . -29.96 6.88 14.74
C07 DYO D . -29.08 5.98 12.60
C08 DYO D . -28.08 8.04 13.64
C09 DYO D . -28.64 9.05 12.61
C12 DYO D . -28.68 12.47 14.81
C14 DYO D . -30.85 12.60 16.36
C16 DYO D . -32.84 14.17 15.73
C18 DYO D . -30.69 14.09 14.20
C23 DYO D . -33.82 3.70 15.80
C25 DYO D . -32.54 3.14 11.57
C27 DYO D . -33.06 0.60 11.13
C29 DYO D . -32.61 1.42 13.59
C30 DYO D . -33.35 -0.55 10.18
C32 DYO D . -29.93 9.63 13.02
C33 DYO D . -29.81 10.68 14.12
C34 DYO D . -27.62 10.09 12.36
C35 DYO D . -27.50 11.06 13.56
C36 DYO D . -34.22 14.75 16.03
C38 DYO D . -36.06 15.90 15.87
N04 DYO D . -30.06 4.92 12.62
N05 DYO D . -29.03 6.95 13.66
N10 DYO D . -28.78 11.69 13.87
N20 DYO D . -32.00 5.47 15.63
N21 DYO D . -32.67 4.35 15.15
N31 DYO D . -32.11 -1.32 10.08
N37 DYO D . -34.88 15.64 15.27
N40 DYO D . -34.96 14.42 17.08
O06 DYO D . -29.93 7.68 15.62
O11 DYO D . -28.89 8.31 11.33
O39 DYO D . -36.12 15.14 16.98
CL1 DYO D . -30.16 11.40 17.45
H1 DYO D . -32.71 12.85 17.42
H2 DYO D . -32.46 15.29 13.95
H3 DYO D . -32.95 2.20 9.68
H4 DYO D . -33.05 -0.57 12.94
H5 DYO D . -28.48 6.04 11.90
H6 DYO D . -27.99 8.45 14.51
H7 DYO D . -27.20 7.71 13.34
H8 DYO D . -28.34 12.00 15.59
H9 DYO D . -28.06 13.18 14.57
H10 DYO D . -30.23 14.37 13.44
H11 DYO D . -34.11 4.25 16.54
H12 DYO D . -33.55 2.83 16.13
H13 DYO D . -34.53 3.59 15.16
H14 DYO D . -32.43 4.01 11.26
H15 DYO D . -32.54 1.25 14.50
H16 DYO D . -34.07 -1.10 10.54
H17 DYO D . -33.61 -0.21 9.31
H18 DYO D . -30.33 10.04 12.25
H19 DYO D . -30.49 8.91 13.35
H20 DYO D . -29.59 10.23 14.95
H21 DYO D . -30.66 11.13 14.22
H22 DYO D . -26.77 9.66 12.22
H23 DYO D . -26.85 11.74 13.34
H24 DYO D . -36.72 16.48 15.57
H25 DYO D . -31.95 -1.76 10.84
H26 DYO D . -31.43 -0.79 9.90
H28 DYO D . -29.72 8.29 11.15
H29 DYO D . -27.88 10.60 11.58
H30 DYO D . -27.19 10.56 14.33
#